data_6QRI
#
_entry.id   6QRI
#
_cell.length_a   72.540
_cell.length_b   78.619
_cell.length_c   77.055
_cell.angle_alpha   90.000
_cell.angle_beta   115.110
_cell.angle_gamma   90.000
#
_symmetry.space_group_name_H-M   'P 1 21 1'
#
loop_
_entity.id
_entity.type
_entity.pdbx_description
1 polymer 'Actin, alpha skeletal muscle'
2 non-polymer "ADENOSINE-5'-TRIPHOSPHATE"
3 non-polymer 'MAGNESIUM ION'
4 non-polymer (2~{R},3~{R},5~{S},6~{E},8~{E},10~{Z},12~{S},13~{R},16~{Z},18~{E},20~{Z},22~{E},24~{R},25~{S},26~{E},28~{Z})-13-[(2~{S},3~{S},5~{S})-3,5-bis(oxidanyl)hexan-2-yl]-25-[(2~{R},3~{R},4~{S},5~{R},6~{R})-3,4-dimethoxy-6-methyl-5-oxidanyl-oxan-2-yl]oxy-3-methoxy-2,12,22,24-tetramethyl-5-oxidanyl-14,32-dioxa-33-azabicyclo[28.2.1]tritriaconta-1(33),6,8,10,16,18,20,22,26,28,30-undecaen-15-one
5 water water
#
_entity_poly.entity_id   1
_entity_poly.type   'polypeptide(L)'
_entity_poly.pdbx_seq_one_letter_code
;MCDEDETTALVCDNGSGLVKAGFAGDDAPRAVFPSIVGRPRHQGVMVGMGQKDSYVGDEAQSKRGILTLKYPIE(HIC)G
IITNWDDMEKIWHHTFYNELRVAPEEHPTLLTEAPLNPKANREKMTQIMFETFNVPAMYVAIQAVLSLYASGRTTGIVLD
SGDGVTHNVPIYEGYALPHAIMRLDLAGRDLTDYLMKILTERGYSFVTTAEREIVRDIKEKLCYVALDFENEMATAASSS
SLEKSYELPDGQVITIGNERFRCPETLFQPSFIGMESAGIHETTYNSIMKCDIDIRKDLYANNVMSGGTTMYPGIADRMQ
KEITALAPSTMKIKIIAPPERKYSVWIGGSILASLSTFQQMWITKQEYDEAGPSIVHRKCF
;
_entity_poly.pdbx_strand_id   B,A
#
# COMPACT_ATOMS: atom_id res chain seq x y z
N THR A 7 16.09 16.38 3.88
CA THR A 7 16.54 16.11 2.48
C THR A 7 15.52 15.25 1.72
N THR A 8 14.46 15.87 1.24
CA THR A 8 13.44 15.14 0.45
C THR A 8 13.96 14.81 -0.97
N ALA A 9 13.70 13.60 -1.44
CA ALA A 9 14.06 13.21 -2.81
C ALA A 9 12.94 13.59 -3.77
N LEU A 10 13.32 14.12 -4.93
CA LEU A 10 12.38 14.45 -6.00
C LEU A 10 12.19 13.25 -6.95
N VAL A 11 10.99 13.12 -7.51
CA VAL A 11 10.67 12.09 -8.48
C VAL A 11 9.97 12.71 -9.68
N CYS A 12 10.67 12.76 -10.82
CA CYS A 12 10.12 13.31 -12.03
C CYS A 12 9.98 12.19 -13.07
N ASP A 13 8.74 11.85 -13.41
CA ASP A 13 8.41 10.90 -14.50
C ASP A 13 7.98 11.66 -15.77
N ASN A 14 8.89 11.77 -16.72
CA ASN A 14 8.64 12.49 -17.99
C ASN A 14 8.03 11.57 -19.05
N GLY A 15 6.84 11.92 -19.52
CA GLY A 15 6.14 11.17 -20.56
C GLY A 15 5.97 11.95 -21.84
N SER A 16 5.48 11.27 -22.86
CA SER A 16 5.27 11.87 -24.18
C SER A 16 4.22 12.96 -24.12
N GLY A 17 3.16 12.71 -23.36
CA GLY A 17 2.09 13.67 -23.14
C GLY A 17 2.12 14.42 -21.83
N LEU A 18 2.52 13.75 -20.75
CA LEU A 18 2.44 14.34 -19.40
C LEU A 18 3.73 14.14 -18.58
N VAL A 19 4.09 15.20 -17.87
CA VAL A 19 5.10 15.18 -16.82
C VAL A 19 4.36 14.94 -15.50
N LYS A 20 4.86 13.97 -14.71
CA LYS A 20 4.33 13.64 -13.40
C LYS A 20 5.52 13.82 -12.47
N ALA A 21 5.43 14.78 -11.55
CA ALA A 21 6.55 15.14 -10.69
C ALA A 21 6.07 15.37 -9.27
N GLY A 22 6.95 15.06 -8.33
CA GLY A 22 6.63 15.28 -6.93
C GLY A 22 7.72 14.86 -5.97
N PHE A 23 7.28 14.50 -4.77
CA PHE A 23 8.18 14.23 -3.67
C PHE A 23 8.11 12.77 -3.26
N ALA A 24 9.28 12.11 -3.24
CA ALA A 24 9.43 10.78 -2.62
C ALA A 24 8.73 10.75 -1.26
N GLY A 25 7.96 9.69 -1.02
CA GLY A 25 7.14 9.55 0.17
C GLY A 25 5.66 9.77 -0.09
N ASP A 26 5.33 10.73 -0.94
CA ASP A 26 3.92 10.98 -1.27
C ASP A 26 3.35 9.82 -2.07
N ASP A 27 2.04 9.59 -1.92
CA ASP A 27 1.34 8.53 -2.65
C ASP A 27 0.82 8.97 -4.03
N ALA A 28 1.11 10.22 -4.41
CA ALA A 28 0.71 10.73 -5.72
C ALA A 28 1.56 11.95 -6.13
N PRO A 29 1.75 12.14 -7.44
CA PRO A 29 2.54 13.28 -7.90
C PRO A 29 1.83 14.56 -7.55
N ARG A 30 2.59 15.57 -7.17
CA ARG A 30 2.06 16.87 -6.78
C ARG A 30 1.74 17.73 -8.01
N ALA A 31 2.53 17.53 -9.08
CA ALA A 31 2.36 18.26 -10.33
C ALA A 31 2.20 17.29 -11.50
N VAL A 32 1.18 17.52 -12.32
CA VAL A 32 0.91 16.77 -13.53
C VAL A 32 0.47 17.74 -14.61
N PHE A 33 1.30 17.93 -15.63
CA PHE A 33 1.06 18.91 -16.68
C PHE A 33 1.61 18.44 -18.04
N PRO A 34 1.18 19.09 -19.15
CA PRO A 34 1.62 18.64 -20.46
C PRO A 34 3.11 18.80 -20.74
N SER A 35 3.70 17.83 -21.43
CA SER A 35 5.10 17.89 -21.88
C SER A 35 5.19 18.68 -23.17
N ILE A 36 5.01 19.99 -23.04
CA ILE A 36 4.97 20.88 -24.18
C ILE A 36 5.74 22.11 -23.87
N VAL A 37 6.49 22.59 -24.86
CA VAL A 37 7.14 23.89 -24.82
C VAL A 37 6.62 24.71 -26.01
N GLY A 38 6.30 25.98 -25.75
CA GLY A 38 5.71 26.87 -26.74
C GLY A 38 6.57 28.09 -26.92
N ARG A 39 6.73 28.53 -28.17
CA ARG A 39 7.42 29.78 -28.46
C ARG A 39 6.56 30.61 -29.39
N PRO A 40 6.70 31.95 -29.35
CA PRO A 40 5.80 32.78 -30.18
C PRO A 40 6.02 32.65 -31.71
N ARG A 41 5.16 33.35 -32.47
CA ARG A 41 5.25 33.47 -33.94
C ARG A 41 5.32 34.96 -34.31
N ASP A 53 10.86 34.35 -23.51
CA ASP A 53 11.33 33.46 -24.56
C ASP A 53 10.30 32.37 -24.86
N SER A 54 9.88 31.64 -23.83
CA SER A 54 9.08 30.40 -23.99
C SER A 54 8.22 30.03 -22.78
N TYR A 55 7.21 29.19 -23.03
CA TYR A 55 6.21 28.81 -22.04
C TYR A 55 6.15 27.28 -22.00
N VAL A 56 5.73 26.75 -20.85
CA VAL A 56 5.72 25.32 -20.58
C VAL A 56 4.39 24.90 -19.95
N GLY A 57 3.99 23.66 -20.21
CA GLY A 57 2.94 23.03 -19.44
C GLY A 57 1.60 23.62 -19.71
N ASP A 58 0.85 23.91 -18.66
CA ASP A 58 -0.55 24.36 -18.79
C ASP A 58 -0.62 25.74 -19.44
N GLU A 59 0.36 26.60 -19.16
CA GLU A 59 0.44 27.93 -19.74
C GLU A 59 0.72 27.94 -21.25
N ALA A 60 1.50 26.98 -21.74
CA ALA A 60 1.75 26.82 -23.17
C ALA A 60 0.49 26.36 -23.88
N GLN A 61 -0.20 25.42 -23.25
CA GLN A 61 -1.54 24.96 -23.69
C GLN A 61 -2.56 26.11 -23.69
N SER A 62 -2.60 26.89 -22.61
CA SER A 62 -3.45 28.10 -22.49
C SER A 62 -3.27 29.06 -23.66
N LYS A 63 -2.03 29.26 -24.06
CA LYS A 63 -1.68 30.21 -25.11
C LYS A 63 -1.30 29.52 -26.44
N ARG A 64 -1.89 28.36 -26.72
CA ARG A 64 -1.56 27.56 -27.91
C ARG A 64 -1.85 28.28 -29.23
N GLY A 65 -2.88 29.14 -29.25
CA GLY A 65 -3.28 29.87 -30.44
C GLY A 65 -2.34 30.97 -30.93
N ILE A 66 -1.35 31.34 -30.11
CA ILE A 66 -0.27 32.27 -30.51
C ILE A 66 1.14 31.63 -30.41
N LEU A 67 1.21 30.34 -30.09
CA LEU A 67 2.49 29.62 -29.94
C LEU A 67 2.62 28.45 -30.90
N THR A 68 3.87 28.17 -31.28
CA THR A 68 4.23 26.88 -31.88
C THR A 68 4.61 25.97 -30.72
N LEU A 69 3.81 24.93 -30.51
CA LEU A 69 4.06 23.95 -29.47
C LEU A 69 4.97 22.83 -29.98
N LYS A 70 5.85 22.33 -29.12
CA LYS A 70 6.66 21.16 -29.41
C LYS A 70 6.64 20.15 -28.27
N TYR A 71 6.62 18.88 -28.64
CA TYR A 71 6.74 17.76 -27.71
C TYR A 71 8.18 17.27 -27.73
N PRO A 72 8.95 17.54 -26.66
CA PRO A 72 10.35 17.12 -26.63
C PRO A 72 10.56 15.61 -26.48
N ILE A 73 9.54 14.90 -25.97
CA ILE A 73 9.54 13.45 -25.87
C ILE A 73 8.58 12.84 -26.89
N GLU A 74 9.11 11.98 -27.76
CA GLU A 74 8.32 11.23 -28.74
C GLU A 74 8.47 9.74 -28.48
N GLY A 76 8.07 8.11 -25.84
CA GLY A 76 8.85 7.94 -24.62
C GLY A 76 10.33 8.31 -24.64
N ILE A 77 10.87 8.71 -25.80
CA ILE A 77 12.30 9.03 -25.98
C ILE A 77 12.44 10.53 -26.13
N ILE A 78 13.40 11.11 -25.41
CA ILE A 78 13.72 12.54 -25.50
C ILE A 78 14.43 12.78 -26.83
N THR A 79 13.83 13.61 -27.69
CA THR A 79 14.41 13.99 -29.00
C THR A 79 14.80 15.46 -29.14
N ASN A 80 14.37 16.32 -28.20
CA ASN A 80 14.71 17.75 -28.20
C ASN A 80 15.26 18.08 -26.82
N TRP A 81 16.58 18.19 -26.74
CA TRP A 81 17.26 18.38 -25.45
C TRP A 81 17.15 19.80 -24.89
N ASP A 82 17.25 20.80 -25.78
CA ASP A 82 17.08 22.20 -25.40
C ASP A 82 15.70 22.43 -24.76
N ASP A 83 14.64 21.89 -25.37
CA ASP A 83 13.29 21.99 -24.82
C ASP A 83 13.14 21.12 -23.58
N MET A 84 13.77 19.95 -23.55
CA MET A 84 13.74 19.13 -22.35
C MET A 84 14.33 19.84 -21.12
N GLU A 85 15.34 20.70 -21.34
CA GLU A 85 15.95 21.46 -20.22
C GLU A 85 14.93 22.46 -19.65
N LYS A 86 14.14 23.08 -20.52
CA LYS A 86 13.11 24.07 -20.10
C LYS A 86 12.01 23.37 -19.28
N ILE A 87 11.62 22.16 -19.70
CA ILE A 87 10.58 21.37 -18.97
C ILE A 87 11.11 21.04 -17.57
N TRP A 88 12.37 20.66 -17.48
CA TRP A 88 12.94 20.32 -16.17
C TRP A 88 13.09 21.55 -15.27
N HIS A 89 13.53 22.66 -15.88
CA HIS A 89 13.60 23.94 -15.21
C HIS A 89 12.23 24.35 -14.66
N HIS A 90 11.21 24.25 -15.50
CA HIS A 90 9.84 24.57 -15.09
C HIS A 90 9.29 23.62 -14.01
N THR A 91 9.65 22.34 -14.10
CA THR A 91 9.24 21.35 -13.09
C THR A 91 9.80 21.70 -11.70
N PHE A 92 11.11 21.98 -11.66
CA PHE A 92 11.79 22.31 -10.42
C PHE A 92 11.32 23.65 -9.84
N TYR A 93 11.50 24.72 -10.62
CA TYR A 93 11.36 26.09 -10.11
C TYR A 93 9.91 26.56 -10.01
N ASN A 94 9.09 26.26 -11.01
CA ASN A 94 7.70 26.75 -11.05
C ASN A 94 6.68 25.81 -10.43
N GLU A 95 6.75 24.52 -10.76
CA GLU A 95 5.70 23.55 -10.39
C GLU A 95 5.92 22.98 -9.00
N LEU A 96 7.14 22.53 -8.70
CA LEU A 96 7.48 21.99 -7.38
C LEU A 96 8.01 23.04 -6.41
N ARG A 97 8.43 24.20 -6.93
CA ARG A 97 8.92 25.31 -6.12
C ARG A 97 10.09 24.88 -5.23
N VAL A 98 11.10 24.27 -5.85
CA VAL A 98 12.31 23.85 -5.14
C VAL A 98 13.58 24.31 -5.86
N ALA A 99 14.66 24.38 -5.08
CA ALA A 99 16.02 24.54 -5.58
C ALA A 99 16.56 23.12 -5.84
N PRO A 100 16.82 22.65 -7.17
CA PRO A 100 17.40 21.25 -7.93
C PRO A 100 18.73 20.85 -7.25
N GLU A 101 19.41 21.82 -6.63
CA GLU A 101 20.74 21.57 -6.02
C GLU A 101 20.65 21.08 -4.57
N GLU A 102 19.45 21.02 -3.98
CA GLU A 102 19.36 20.56 -2.57
C GLU A 102 18.61 19.24 -2.51
N HIS A 103 18.22 18.70 -3.67
CA HIS A 103 17.42 17.46 -3.68
C HIS A 103 17.99 16.38 -4.60
N PRO A 104 18.14 15.13 -4.07
CA PRO A 104 18.36 13.98 -4.93
C PRO A 104 17.16 13.77 -5.85
N THR A 105 17.41 13.52 -7.13
CA THR A 105 16.36 13.53 -8.16
C THR A 105 16.33 12.22 -8.92
N LEU A 106 15.27 11.43 -8.74
CA LEU A 106 15.05 10.22 -9.56
C LEU A 106 14.31 10.60 -10.85
N LEU A 107 14.89 10.26 -11.99
CA LEU A 107 14.19 10.42 -13.28
C LEU A 107 13.79 9.07 -13.79
N THR A 108 12.98 9.06 -14.84
CA THR A 108 12.53 7.79 -15.44
C THR A 108 12.90 7.75 -16.92
N GLU A 109 12.83 6.56 -17.52
CA GLU A 109 13.14 6.43 -18.94
C GLU A 109 12.34 5.30 -19.60
N ALA A 110 12.20 5.41 -20.92
CA ALA A 110 11.53 4.39 -21.73
C ALA A 110 12.33 3.08 -21.77
N PRO A 111 11.64 1.96 -22.10
CA PRO A 111 12.38 0.76 -22.46
C PRO A 111 13.14 0.98 -23.76
N LEU A 112 14.28 0.31 -23.90
CA LEU A 112 15.19 0.39 -25.07
C LEU A 112 15.56 1.84 -25.32
N ASN A 113 15.86 2.57 -24.24
CA ASN A 113 16.26 4.00 -24.34
C ASN A 113 17.76 4.06 -24.62
N PRO A 114 18.21 4.64 -25.75
CA PRO A 114 19.64 4.70 -26.08
C PRO A 114 20.59 5.18 -24.97
N LYS A 115 21.81 4.64 -24.99
CA LYS A 115 22.87 4.98 -24.00
C LYS A 115 23.19 6.48 -24.06
N ALA A 116 23.23 7.05 -25.26
CA ALA A 116 23.50 8.50 -25.41
C ALA A 116 22.52 9.30 -24.54
N ASN A 117 21.22 9.00 -24.65
CA ASN A 117 20.17 9.69 -23.85
C ASN A 117 20.52 9.61 -22.36
N ARG A 118 20.82 8.41 -21.87
CA ARG A 118 21.16 8.19 -20.44
C ARG A 118 22.29 9.12 -19.98
N GLU A 119 23.33 9.29 -20.80
CA GLU A 119 24.47 10.17 -20.43
C GLU A 119 24.03 11.63 -20.49
N LYS A 120 23.45 12.05 -21.61
CA LYS A 120 22.99 13.46 -21.77
C LYS A 120 22.07 13.81 -20.61
N MET A 121 21.10 12.95 -20.31
CA MET A 121 20.19 13.21 -19.18
C MET A 121 20.99 13.45 -17.90
N THR A 122 21.92 12.53 -17.63
CA THR A 122 22.78 12.60 -16.44
C THR A 122 23.65 13.85 -16.44
N GLN A 123 24.25 14.17 -17.59
CA GLN A 123 25.08 15.38 -17.76
C GLN A 123 24.29 16.62 -17.40
N ILE A 124 23.11 16.76 -18.01
CA ILE A 124 22.25 17.95 -17.77
C ILE A 124 21.88 18.08 -16.28
N MET A 125 21.60 16.95 -15.62
CA MET A 125 21.20 16.97 -14.20
C MET A 125 22.34 17.46 -13.30
N PHE A 126 23.58 17.07 -13.60
CA PHE A 126 24.73 17.46 -12.73
C PHE A 126 25.37 18.77 -13.19
N GLU A 127 25.53 18.97 -14.49
CA GLU A 127 26.21 20.20 -14.99
C GLU A 127 25.28 21.41 -14.99
N THR A 128 24.02 21.25 -15.44
CA THR A 128 23.10 22.41 -15.54
C THR A 128 22.29 22.62 -14.26
N PHE A 129 21.63 21.59 -13.74
CA PHE A 129 20.79 21.76 -12.53
C PHE A 129 21.61 21.59 -11.24
N ASN A 130 22.84 21.11 -11.37
CA ASN A 130 23.74 20.94 -10.19
C ASN A 130 23.04 20.15 -9.08
N VAL A 131 22.41 19.03 -9.41
CA VAL A 131 21.71 18.20 -8.38
C VAL A 131 22.75 17.53 -7.48
N PRO A 132 22.47 17.31 -6.18
CA PRO A 132 23.42 16.64 -5.29
C PRO A 132 23.58 15.17 -5.69
N ALA A 133 22.51 14.55 -6.21
CA ALA A 133 22.55 13.15 -6.66
C ALA A 133 21.34 12.84 -7.56
N MET A 134 21.48 11.82 -8.42
CA MET A 134 20.40 11.38 -9.28
C MET A 134 20.47 9.90 -9.57
N TYR A 135 19.38 9.36 -10.10
CA TYR A 135 19.30 7.99 -10.55
C TYR A 135 18.29 7.97 -11.72
N VAL A 136 18.46 7.05 -12.67
CA VAL A 136 17.45 6.81 -13.71
C VAL A 136 16.96 5.37 -13.64
N ALA A 137 15.65 5.21 -13.66
CA ALA A 137 14.99 3.91 -13.60
C ALA A 137 14.13 3.72 -14.83
N ILE A 138 13.90 2.47 -15.20
CA ILE A 138 13.02 2.14 -16.31
C ILE A 138 11.57 2.22 -15.81
N GLN A 139 10.71 2.86 -16.60
CA GLN A 139 9.36 3.16 -16.19
C GLN A 139 8.59 1.89 -15.86
N ALA A 140 8.63 0.93 -16.76
CA ALA A 140 7.92 -0.33 -16.57
C ALA A 140 8.37 -1.08 -15.31
N VAL A 141 9.67 -1.02 -15.00
CA VAL A 141 10.16 -1.64 -13.80
C VAL A 141 9.55 -0.92 -12.58
N LEU A 142 9.42 0.39 -12.63
CA LEU A 142 8.79 1.13 -11.52
C LEU A 142 7.33 0.77 -11.31
N SER A 143 6.56 0.66 -12.41
CA SER A 143 5.18 0.16 -12.35
C SER A 143 5.08 -1.23 -11.73
N LEU A 144 5.98 -2.11 -12.11
CA LEU A 144 5.98 -3.45 -11.52
C LEU A 144 6.24 -3.35 -10.00
N TYR A 145 7.22 -2.56 -9.61
CA TYR A 145 7.51 -2.25 -8.20
C TYR A 145 6.29 -1.68 -7.46
N ALA A 146 5.55 -0.79 -8.13
CA ALA A 146 4.30 -0.24 -7.59
C ALA A 146 3.23 -1.28 -7.30
N SER A 147 3.29 -2.40 -8.01
CA SER A 147 2.37 -3.52 -7.80
C SER A 147 2.84 -4.55 -6.78
N GLY A 148 3.98 -4.32 -6.13
CA GLY A 148 4.50 -5.28 -5.13
C GLY A 148 5.20 -6.49 -5.69
N ARG A 149 5.77 -6.34 -6.90
CA ARG A 149 6.41 -7.42 -7.66
C ARG A 149 7.76 -7.01 -8.18
N THR A 150 8.65 -7.99 -8.33
CA THR A 150 9.89 -7.82 -9.09
C THR A 150 9.97 -8.71 -10.33
N THR A 151 9.00 -9.61 -10.51
CA THR A 151 8.91 -10.46 -11.71
C THR A 151 7.51 -10.33 -12.29
N GLY A 152 7.42 -10.20 -13.61
CA GLY A 152 6.14 -10.05 -14.30
C GLY A 152 6.30 -9.36 -15.65
N ILE A 153 5.21 -9.20 -16.37
CA ILE A 153 5.25 -8.52 -17.65
C ILE A 153 4.31 -7.31 -17.55
N VAL A 154 4.87 -6.12 -17.76
CA VAL A 154 4.09 -4.90 -17.77
C VAL A 154 3.56 -4.59 -19.18
N LEU A 155 2.30 -4.17 -19.26
CA LEU A 155 1.79 -3.42 -20.42
C LEU A 155 1.70 -1.95 -20.01
N ASP A 156 2.59 -1.12 -20.56
CA ASP A 156 2.61 0.33 -20.31
C ASP A 156 2.06 1.03 -21.55
N SER A 157 0.90 1.68 -21.42
CA SER A 157 0.28 2.43 -22.51
C SER A 157 -0.06 3.83 -22.04
N GLY A 158 0.51 4.84 -22.70
CA GLY A 158 0.38 6.24 -22.29
C GLY A 158 -0.28 7.04 -23.39
N ASP A 159 0.31 8.19 -23.73
CA ASP A 159 -0.21 9.12 -24.72
C ASP A 159 0.37 8.92 -26.13
N GLY A 160 1.64 8.52 -26.21
CA GLY A 160 2.30 8.37 -27.51
C GLY A 160 2.69 6.96 -27.92
N VAL A 161 2.94 6.08 -26.93
CA VAL A 161 3.41 4.72 -27.17
C VAL A 161 2.86 3.72 -26.16
N THR A 162 2.73 2.47 -26.62
CA THR A 162 2.42 1.31 -25.78
C THR A 162 3.60 0.29 -25.84
N HIS A 163 3.98 -0.27 -24.70
CA HIS A 163 5.08 -1.24 -24.62
C HIS A 163 4.65 -2.44 -23.82
N ASN A 164 5.13 -3.62 -24.20
CA ASN A 164 5.17 -4.80 -23.34
C ASN A 164 6.60 -5.03 -22.86
N VAL A 165 6.79 -5.11 -21.55
CA VAL A 165 8.12 -5.23 -20.96
C VAL A 165 8.12 -6.38 -19.96
N PRO A 166 8.61 -7.56 -20.38
CA PRO A 166 8.83 -8.63 -19.43
C PRO A 166 10.06 -8.35 -18.56
N ILE A 167 9.93 -8.69 -17.28
CA ILE A 167 10.89 -8.34 -16.26
C ILE A 167 11.14 -9.53 -15.35
N TYR A 168 12.39 -9.88 -15.12
CA TYR A 168 12.73 -11.00 -14.25
C TYR A 168 13.59 -10.49 -13.12
N GLU A 169 13.02 -10.50 -11.91
CA GLU A 169 13.75 -10.15 -10.67
C GLU A 169 14.44 -8.79 -10.78
N GLY A 170 13.66 -7.77 -11.13
CA GLY A 170 14.17 -6.40 -11.24
C GLY A 170 14.78 -5.96 -12.56
N TYR A 171 14.93 -6.88 -13.52
CA TYR A 171 15.63 -6.58 -14.78
C TYR A 171 14.72 -6.78 -15.97
N ALA A 172 14.55 -5.72 -16.75
CA ALA A 172 13.82 -5.80 -18.01
C ALA A 172 14.61 -6.68 -18.96
N LEU A 173 13.91 -7.48 -19.77
CA LEU A 173 14.51 -8.39 -20.72
C LEU A 173 14.43 -7.76 -22.11
N PRO A 174 15.51 -7.04 -22.53
CA PRO A 174 15.42 -6.18 -23.72
C PRO A 174 15.03 -6.91 -25.01
N HIS A 175 15.55 -8.11 -25.18
CA HIS A 175 15.27 -9.00 -26.34
C HIS A 175 13.78 -9.40 -26.51
N ALA A 176 12.97 -9.20 -25.47
CA ALA A 176 11.56 -9.60 -25.46
C ALA A 176 10.59 -8.42 -25.39
N ILE A 177 11.09 -7.19 -25.42
CA ILE A 177 10.23 -6.00 -25.38
C ILE A 177 9.46 -5.84 -26.70
N MET A 178 8.18 -5.50 -26.62
CA MET A 178 7.36 -5.20 -27.81
C MET A 178 6.89 -3.75 -27.74
N ARG A 179 6.94 -3.05 -28.86
CA ARG A 179 6.53 -1.65 -28.97
C ARG A 179 5.41 -1.52 -29.99
N LEU A 180 4.39 -0.75 -29.63
CA LEU A 180 3.26 -0.47 -30.49
C LEU A 180 3.12 1.06 -30.53
N ASP A 181 3.17 1.66 -31.71
CA ASP A 181 3.10 3.12 -31.87
C ASP A 181 1.65 3.57 -31.96
N LEU A 182 0.90 3.28 -30.92
CA LEU A 182 -0.54 3.51 -30.82
C LEU A 182 -0.86 3.65 -29.35
N ALA A 183 -1.36 4.82 -28.94
CA ALA A 183 -1.76 5.04 -27.55
C ALA A 183 -2.83 6.15 -27.48
N GLY A 184 -2.99 6.78 -26.31
CA GLY A 184 -4.07 7.71 -25.99
C GLY A 184 -4.33 8.85 -26.96
N ARG A 185 -3.27 9.45 -27.49
CA ARG A 185 -3.37 10.54 -28.49
C ARG A 185 -4.20 10.06 -29.70
N ASP A 186 -3.89 8.82 -30.12
CA ASP A 186 -4.56 8.18 -31.27
C ASP A 186 -6.00 7.80 -30.95
N LEU A 187 -6.23 7.35 -29.71
CA LEU A 187 -7.58 7.03 -29.27
C LEU A 187 -8.45 8.28 -29.21
N THR A 188 -7.91 9.40 -28.74
CA THR A 188 -8.65 10.66 -28.76
C THR A 188 -8.96 11.14 -30.19
N ASP A 189 -7.98 11.06 -31.07
CA ASP A 189 -8.20 11.37 -32.48
C ASP A 189 -9.27 10.48 -33.13
N TYR A 190 -9.26 9.19 -32.76
CA TYR A 190 -10.24 8.24 -33.26
C TYR A 190 -11.64 8.48 -32.70
N LEU A 191 -11.76 8.77 -31.42
CA LEU A 191 -13.07 9.13 -30.82
C LEU A 191 -13.62 10.37 -31.45
N MET A 192 -12.76 11.34 -31.74
CA MET A 192 -13.18 12.55 -32.42
C MET A 192 -13.71 12.25 -33.84
N LYS A 193 -13.00 11.37 -34.55
CA LYS A 193 -13.31 10.99 -35.95
C LYS A 193 -14.58 10.14 -36.05
N ILE A 194 -14.85 9.27 -35.07
CA ILE A 194 -16.08 8.43 -35.15
C ILE A 194 -17.27 9.21 -34.58
N LEU A 195 -17.01 10.34 -33.92
CA LEU A 195 -18.14 11.17 -33.40
C LEU A 195 -18.62 12.07 -34.55
N THR A 196 -17.71 12.43 -35.46
CA THR A 196 -18.08 13.25 -36.65
C THR A 196 -18.88 12.33 -37.57
N GLU A 197 -18.32 11.14 -37.85
CA GLU A 197 -18.97 10.13 -38.72
C GLU A 197 -20.42 9.94 -38.27
N ARG A 198 -20.65 9.95 -36.95
CA ARG A 198 -22.03 9.81 -36.43
C ARG A 198 -22.81 11.07 -36.83
N GLY A 199 -22.23 12.24 -36.57
CA GLY A 199 -22.88 13.52 -36.92
C GLY A 199 -22.52 14.63 -35.96
N TYR A 200 -21.64 14.38 -34.99
CA TYR A 200 -21.26 15.45 -34.03
C TYR A 200 -20.19 16.36 -34.64
N SER A 201 -20.10 17.59 -34.14
CA SER A 201 -19.06 18.53 -34.64
C SER A 201 -18.07 18.83 -33.52
N PHE A 202 -16.80 18.66 -33.83
CA PHE A 202 -15.63 18.78 -32.95
C PHE A 202 -14.40 19.24 -33.70
N VAL A 203 -14.28 20.56 -33.87
CA VAL A 203 -13.37 21.16 -34.86
C VAL A 203 -12.11 21.73 -34.17
N THR A 204 -12.31 22.73 -33.32
CA THR A 204 -11.23 23.53 -32.71
C THR A 204 -10.35 22.70 -31.77
N THR A 205 -9.15 23.18 -31.50
CA THR A 205 -8.25 22.55 -30.52
C THR A 205 -8.83 22.54 -29.10
N ALA A 206 -9.59 23.58 -28.76
CA ALA A 206 -10.37 23.64 -27.53
C ALA A 206 -11.36 22.48 -27.45
N GLU A 207 -12.07 22.26 -28.57
CA GLU A 207 -13.02 21.15 -28.70
C GLU A 207 -12.38 19.77 -28.59
N ARG A 208 -11.13 19.64 -29.01
CA ARG A 208 -10.38 18.40 -28.86
C ARG A 208 -10.19 18.01 -27.39
N GLU A 209 -9.93 19.01 -26.55
CA GLU A 209 -9.82 18.76 -25.11
C GLU A 209 -11.09 18.17 -24.49
N ILE A 210 -12.24 18.55 -25.04
CA ILE A 210 -13.54 18.02 -24.62
C ILE A 210 -13.63 16.55 -24.98
N VAL A 211 -13.21 16.18 -26.20
CA VAL A 211 -13.25 14.78 -26.66
C VAL A 211 -12.33 13.92 -25.79
N ARG A 212 -11.19 14.48 -25.38
CA ARG A 212 -10.26 13.75 -24.49
C ARG A 212 -10.98 13.51 -23.17
N ASP A 213 -11.75 14.51 -22.71
CA ASP A 213 -12.50 14.41 -21.43
C ASP A 213 -13.59 13.34 -21.57
N ILE A 214 -14.31 13.32 -22.69
CA ILE A 214 -15.39 12.32 -22.93
C ILE A 214 -14.78 10.92 -22.89
N LYS A 215 -13.62 10.74 -23.51
CA LYS A 215 -12.92 9.43 -23.56
C LYS A 215 -12.60 8.94 -22.14
N GLU A 216 -12.07 9.83 -21.30
CA GLU A 216 -11.67 9.45 -19.92
C GLU A 216 -12.87 9.23 -19.00
N LYS A 217 -14.07 9.71 -19.36
CA LYS A 217 -15.24 9.57 -18.48
C LYS A 217 -16.23 8.49 -18.96
N LEU A 218 -16.40 8.32 -20.27
CA LEU A 218 -17.46 7.38 -20.72
C LEU A 218 -16.93 6.19 -21.52
N CYS A 219 -15.68 6.21 -21.97
CA CYS A 219 -15.22 5.04 -22.77
C CYS A 219 -14.95 3.84 -21.86
N TYR A 220 -15.06 2.64 -22.44
CA TYR A 220 -14.81 1.37 -21.72
C TYR A 220 -14.43 0.29 -22.74
N VAL A 221 -14.01 -0.88 -22.26
CA VAL A 221 -13.64 -1.96 -23.15
C VAL A 221 -14.69 -3.05 -23.04
N ALA A 222 -15.27 -3.42 -24.18
CA ALA A 222 -16.24 -4.50 -24.26
C ALA A 222 -15.59 -5.85 -23.99
N LEU A 223 -16.28 -6.70 -23.23
CA LEU A 223 -15.83 -8.08 -23.02
C LEU A 223 -15.81 -8.85 -24.34
N ASP A 224 -16.90 -8.73 -25.11
CA ASP A 224 -17.01 -9.31 -26.46
C ASP A 224 -17.48 -8.22 -27.40
N PHE A 225 -16.61 -7.79 -28.31
CA PHE A 225 -16.89 -6.65 -29.19
C PHE A 225 -18.18 -6.81 -30.01
N GLU A 226 -18.33 -7.94 -30.70
CA GLU A 226 -19.50 -8.12 -31.57
C GLU A 226 -20.79 -8.18 -30.77
N ASN A 227 -20.83 -8.90 -29.64
CA ASN A 227 -22.03 -8.93 -28.80
C ASN A 227 -22.40 -7.53 -28.31
N GLU A 228 -21.37 -6.72 -28.11
CA GLU A 228 -21.55 -5.31 -27.69
C GLU A 228 -22.04 -4.53 -28.91
N MET A 229 -21.32 -4.65 -30.04
CA MET A 229 -21.71 -3.98 -31.30
C MET A 229 -23.11 -4.44 -31.68
N ALA A 230 -23.35 -5.75 -31.64
CA ALA A 230 -24.68 -6.32 -31.98
C ALA A 230 -25.74 -5.79 -30.98
N THR A 231 -25.41 -5.71 -29.70
CA THR A 231 -26.36 -5.15 -28.69
C THR A 231 -26.58 -3.67 -28.96
N ALA A 232 -25.53 -2.97 -29.40
CA ALA A 232 -25.62 -1.51 -29.64
C ALA A 232 -26.67 -1.22 -30.70
N ALA A 233 -26.69 -2.03 -31.76
CA ALA A 233 -27.67 -1.85 -32.86
C ALA A 233 -29.10 -2.07 -32.34
N SER A 234 -29.30 -3.06 -31.49
CA SER A 234 -30.65 -3.47 -31.01
C SER A 234 -31.09 -2.80 -29.71
N SER A 235 -30.31 -1.90 -29.09
CA SER A 235 -30.78 -1.36 -27.78
C SER A 235 -30.20 0.02 -27.46
N SER A 236 -30.77 0.69 -26.46
CA SER A 236 -30.29 2.02 -25.98
C SER A 236 -29.85 1.90 -24.51
N SER A 237 -29.39 0.71 -24.12
CA SER A 237 -28.94 0.40 -22.74
C SER A 237 -27.52 0.93 -22.52
N LEU A 238 -26.72 0.98 -23.59
CA LEU A 238 -25.31 1.42 -23.50
C LEU A 238 -25.16 2.91 -23.83
N GLU A 239 -26.24 3.70 -23.76
CA GLU A 239 -26.08 5.13 -24.05
C GLU A 239 -25.72 5.89 -22.78
N LYS A 240 -24.92 6.94 -22.95
CA LYS A 240 -24.61 7.87 -21.86
C LYS A 240 -24.62 9.30 -22.40
N SER A 241 -25.02 10.26 -21.56
CA SER A 241 -25.04 11.67 -21.92
C SER A 241 -23.82 12.41 -21.36
N TYR A 242 -23.41 13.47 -22.05
CA TYR A 242 -22.25 14.27 -21.66
C TYR A 242 -22.59 15.72 -21.87
N GLU A 243 -22.45 16.53 -20.84
CA GLU A 243 -22.71 17.95 -20.91
C GLU A 243 -21.46 18.67 -21.40
N LEU A 244 -21.60 19.37 -22.53
CA LEU A 244 -20.53 20.19 -23.10
C LEU A 244 -20.37 21.46 -22.26
N PRO A 245 -19.22 22.16 -22.36
CA PRO A 245 -19.04 23.37 -21.53
C PRO A 245 -20.13 24.43 -21.72
N ASP A 246 -20.73 24.52 -22.91
CA ASP A 246 -21.84 25.46 -23.17
C ASP A 246 -23.24 24.96 -22.75
N GLY A 247 -23.35 23.98 -21.85
CA GLY A 247 -24.64 23.53 -21.35
C GLY A 247 -25.29 22.40 -22.15
N GLN A 248 -25.13 22.42 -23.47
CA GLN A 248 -25.73 21.42 -24.38
C GLN A 248 -25.32 19.99 -24.01
N VAL A 249 -26.27 19.07 -24.09
CA VAL A 249 -26.10 17.68 -23.67
C VAL A 249 -26.08 16.79 -24.92
N ILE A 250 -25.06 15.92 -25.01
CA ILE A 250 -24.88 15.03 -26.19
C ILE A 250 -24.83 13.57 -25.72
N THR A 251 -25.38 12.67 -26.53
CA THR A 251 -25.45 11.23 -26.19
C THR A 251 -24.44 10.44 -27.04
N ILE A 252 -23.70 9.54 -26.40
CA ILE A 252 -22.72 8.66 -27.11
C ILE A 252 -23.10 7.22 -26.77
N GLY A 253 -23.12 6.34 -27.76
CA GLY A 253 -23.55 4.95 -27.49
C GLY A 253 -22.43 3.94 -27.69
N ASN A 254 -22.22 3.50 -28.92
CA ASN A 254 -21.20 2.46 -29.21
C ASN A 254 -19.82 3.09 -29.43
N GLU A 255 -19.69 4.41 -29.33
CA GLU A 255 -18.36 5.06 -29.48
C GLU A 255 -17.58 4.78 -28.19
N ARG A 256 -18.31 4.72 -27.07
CA ARG A 256 -17.75 4.42 -25.74
C ARG A 256 -16.84 3.19 -25.82
N PHE A 257 -17.31 2.09 -26.39
CA PHE A 257 -16.51 0.85 -26.46
C PHE A 257 -15.76 0.71 -27.78
N ARG A 258 -16.17 1.42 -28.84
CA ARG A 258 -15.41 1.29 -30.11
C ARG A 258 -14.17 2.16 -30.01
N CYS A 259 -14.23 3.21 -29.17
CA CYS A 259 -13.06 4.12 -29.03
C CYS A 259 -11.82 3.30 -28.70
N PRO A 260 -11.66 2.49 -27.45
CA PRO A 260 -10.60 1.63 -26.91
C PRO A 260 -10.48 0.24 -27.52
N GLU A 261 -11.43 -0.17 -28.37
CA GLU A 261 -11.26 -1.39 -29.14
C GLU A 261 -10.03 -1.33 -30.04
N THR A 262 -9.63 -0.15 -30.48
CA THR A 262 -8.45 0.06 -31.32
C THR A 262 -7.16 -0.55 -30.72
N LEU A 263 -7.05 -0.50 -29.39
CA LEU A 263 -5.95 -1.17 -28.71
C LEU A 263 -5.86 -2.66 -29.04
N PHE A 264 -7.01 -3.31 -29.11
CA PHE A 264 -7.12 -4.72 -29.49
C PHE A 264 -7.18 -4.98 -30.99
N GLN A 265 -7.72 -4.02 -31.76
CA GLN A 265 -7.76 -4.09 -33.23
C GLN A 265 -7.19 -2.81 -33.84
N PRO A 266 -5.85 -2.74 -33.97
CA PRO A 266 -5.24 -1.55 -34.54
C PRO A 266 -5.62 -1.21 -35.98
N SER A 267 -6.16 -2.16 -36.74
CA SER A 267 -6.65 -1.87 -38.10
C SER A 267 -7.78 -0.82 -38.14
N PHE A 268 -8.46 -0.61 -37.01
CA PHE A 268 -9.42 0.51 -36.85
C PHE A 268 -8.88 1.89 -37.23
N ILE A 269 -7.59 2.11 -37.09
CA ILE A 269 -6.97 3.37 -37.51
C ILE A 269 -5.90 3.14 -38.57
N GLY A 270 -6.05 2.07 -39.36
CA GLY A 270 -5.15 1.77 -40.48
C GLY A 270 -3.79 1.18 -40.18
N MET A 271 -3.59 0.61 -38.98
CA MET A 271 -2.31 0.04 -38.60
C MET A 271 -2.32 -1.48 -38.74
N GLU A 272 -1.29 -2.01 -39.37
CA GLU A 272 -1.17 -3.45 -39.59
C GLU A 272 -0.81 -4.27 -38.35
N SER A 273 -0.17 -3.65 -37.35
CA SER A 273 0.35 -4.39 -36.18
C SER A 273 -0.69 -5.10 -35.33
N ALA A 274 -0.22 -6.02 -34.51
CA ALA A 274 -1.08 -6.80 -33.62
C ALA A 274 -1.60 -5.94 -32.47
N GLY A 275 -2.64 -6.44 -31.82
CA GLY A 275 -3.26 -5.76 -30.70
C GLY A 275 -2.55 -6.09 -29.40
N ILE A 276 -2.90 -5.36 -28.35
CA ILE A 276 -2.20 -5.44 -27.06
C ILE A 276 -2.19 -6.85 -26.44
N HIS A 277 -3.27 -7.60 -26.62
CA HIS A 277 -3.30 -9.03 -26.26
C HIS A 277 -2.27 -9.87 -27.01
N GLU A 278 -2.11 -9.63 -28.30
CA GLU A 278 -1.17 -10.42 -29.11
C GLU A 278 0.29 -10.06 -28.81
N THR A 279 0.58 -8.78 -28.66
CA THR A 279 1.93 -8.32 -28.32
C THR A 279 2.36 -8.81 -26.93
N THR A 280 1.40 -8.90 -26.01
CA THR A 280 1.62 -9.44 -24.69
C THR A 280 2.03 -10.91 -24.78
N TYR A 281 1.27 -11.65 -25.58
CA TYR A 281 1.55 -13.07 -25.78
C TYR A 281 2.86 -13.30 -26.53
N ASN A 282 3.12 -12.50 -27.56
CA ASN A 282 4.40 -12.56 -28.27
C ASN A 282 5.57 -12.27 -27.34
N SER A 283 5.43 -11.24 -26.52
CA SER A 283 6.47 -10.87 -25.57
C SER A 283 6.79 -12.04 -24.66
N ILE A 284 5.76 -12.67 -24.11
CA ILE A 284 5.95 -13.82 -23.21
C ILE A 284 6.63 -15.01 -23.90
N MET A 285 6.28 -15.27 -25.15
CA MET A 285 6.88 -16.37 -25.93
C MET A 285 8.31 -16.08 -26.42
N LYS A 286 8.73 -14.82 -26.41
CA LYS A 286 10.14 -14.46 -26.64
C LYS A 286 11.03 -14.77 -25.42
N CYS A 287 10.44 -14.96 -24.24
CA CYS A 287 11.21 -15.23 -23.03
C CYS A 287 11.47 -16.70 -22.82
N ASP A 288 12.45 -16.96 -21.97
CA ASP A 288 12.81 -18.33 -21.57
C ASP A 288 11.58 -19.06 -21.03
N ILE A 289 11.46 -20.33 -21.41
CA ILE A 289 10.28 -21.15 -21.06
C ILE A 289 10.04 -21.33 -19.55
N ASP A 290 11.11 -21.44 -18.77
CA ASP A 290 11.01 -21.66 -17.31
C ASP A 290 10.47 -20.46 -16.50
N ILE A 291 10.38 -19.27 -17.10
CA ILE A 291 9.77 -18.10 -16.46
C ILE A 291 8.40 -17.68 -17.01
N ARG A 292 7.90 -18.35 -18.05
CA ARG A 292 6.62 -17.94 -18.67
C ARG A 292 5.43 -18.03 -17.72
N LYS A 293 5.39 -19.09 -16.92
CA LYS A 293 4.35 -19.28 -15.89
C LYS A 293 4.21 -18.05 -15.01
N ASP A 294 5.35 -17.50 -14.62
CA ASP A 294 5.42 -16.30 -13.80
C ASP A 294 4.94 -15.07 -14.55
N LEU A 295 5.28 -14.95 -15.83
CA LEU A 295 4.85 -13.79 -16.60
C LEU A 295 3.33 -13.81 -16.78
N TYR A 296 2.78 -14.96 -17.13
CA TYR A 296 1.33 -15.10 -17.30
C TYR A 296 0.58 -14.73 -16.00
N ALA A 297 1.11 -15.19 -14.87
CA ALA A 297 0.52 -14.94 -13.57
C ALA A 297 0.72 -13.51 -13.06
N ASN A 298 1.54 -12.71 -13.74
CA ASN A 298 1.87 -11.37 -13.29
C ASN A 298 1.86 -10.36 -14.41
N ASN A 299 0.74 -10.27 -15.10
CA ASN A 299 0.51 -9.25 -16.16
C ASN A 299 0.05 -7.96 -15.50
N VAL A 300 0.91 -6.94 -15.45
CA VAL A 300 0.59 -5.70 -14.77
C VAL A 300 0.34 -4.58 -15.81
N MET A 301 -0.77 -3.87 -15.64
CA MET A 301 -1.11 -2.75 -16.51
C MET A 301 -0.80 -1.40 -15.90
N SER A 302 -0.12 -0.55 -16.68
CA SER A 302 0.21 0.80 -16.26
C SER A 302 0.03 1.80 -17.36
N GLY A 303 -0.13 3.06 -16.97
CA GLY A 303 -0.30 4.17 -17.89
C GLY A 303 -1.75 4.55 -18.01
N GLY A 304 -1.98 5.77 -18.50
CA GLY A 304 -3.34 6.32 -18.55
C GLY A 304 -4.26 5.60 -19.51
N THR A 305 -3.69 5.11 -20.60
CA THR A 305 -4.48 4.41 -21.62
C THR A 305 -4.88 2.97 -21.21
N THR A 306 -4.37 2.48 -20.08
CA THR A 306 -4.95 1.28 -19.45
C THR A 306 -6.14 1.58 -18.51
N MET A 307 -6.58 2.82 -18.39
CA MET A 307 -7.65 3.14 -17.42
C MET A 307 -9.10 2.77 -17.79
N TYR A 308 -9.33 2.27 -18.99
CA TYR A 308 -10.70 1.92 -19.42
C TYR A 308 -11.27 0.79 -18.55
N PRO A 309 -12.47 0.99 -17.97
CA PRO A 309 -13.13 -0.12 -17.30
C PRO A 309 -13.31 -1.31 -18.23
N GLY A 310 -13.14 -2.52 -17.70
CA GLY A 310 -13.34 -3.74 -18.47
C GLY A 310 -12.10 -4.22 -19.23
N ILE A 311 -11.03 -3.41 -19.23
CA ILE A 311 -9.80 -3.75 -19.93
C ILE A 311 -9.07 -4.95 -19.31
N ALA A 312 -9.15 -5.12 -17.98
CA ALA A 312 -8.51 -6.27 -17.31
C ALA A 312 -9.18 -7.61 -17.69
N ASP A 313 -10.51 -7.60 -17.61
CA ASP A 313 -11.33 -8.77 -17.99
C ASP A 313 -11.18 -9.16 -19.44
N ARG A 314 -11.05 -8.17 -20.31
CA ARG A 314 -10.88 -8.42 -21.75
C ARG A 314 -9.51 -9.02 -22.01
N MET A 315 -8.48 -8.45 -21.40
CA MET A 315 -7.14 -9.00 -21.52
C MET A 315 -7.09 -10.45 -20.97
N GLN A 316 -7.70 -10.65 -19.79
CA GLN A 316 -7.84 -11.97 -19.15
C GLN A 316 -8.42 -13.00 -20.13
N LYS A 317 -9.48 -12.61 -20.82
CA LYS A 317 -10.13 -13.47 -21.80
C LYS A 317 -9.25 -13.75 -23.01
N GLU A 318 -8.59 -12.71 -23.56
CA GLU A 318 -7.81 -12.82 -24.80
C GLU A 318 -6.51 -13.58 -24.65
N ILE A 319 -5.80 -13.35 -23.55
CA ILE A 319 -4.62 -14.13 -23.21
C ILE A 319 -5.02 -15.59 -23.00
N THR A 320 -6.12 -15.82 -22.27
CA THR A 320 -6.62 -17.19 -22.03
C THR A 320 -6.83 -17.98 -23.32
N ALA A 321 -7.30 -17.32 -24.38
CA ALA A 321 -7.52 -17.96 -25.68
C ALA A 321 -6.23 -18.33 -26.41
N LEU A 322 -5.16 -17.54 -26.21
CA LEU A 322 -3.85 -17.75 -26.84
C LEU A 322 -2.95 -18.69 -26.03
N ALA A 323 -2.97 -18.52 -24.71
CA ALA A 323 -2.07 -19.26 -23.82
C ALA A 323 -2.50 -20.71 -23.66
N PRO A 324 -1.55 -21.61 -23.35
CA PRO A 324 -1.96 -22.94 -22.95
C PRO A 324 -2.82 -22.89 -21.68
N SER A 325 -3.85 -23.74 -21.60
CA SER A 325 -4.74 -23.76 -20.43
C SER A 325 -4.10 -24.34 -19.16
N THR A 326 -2.90 -24.91 -19.28
CA THR A 326 -2.06 -25.24 -18.12
C THR A 326 -1.61 -24.01 -17.31
N MET A 327 -1.53 -22.85 -17.96
CA MET A 327 -1.07 -21.62 -17.31
C MET A 327 -2.18 -20.89 -16.55
N LYS A 328 -1.89 -20.54 -15.30
CA LYS A 328 -2.64 -19.56 -14.53
C LYS A 328 -2.44 -18.17 -15.14
N ILE A 329 -3.49 -17.57 -15.66
CA ILE A 329 -3.43 -16.18 -16.15
C ILE A 329 -3.97 -15.24 -15.11
N LYS A 330 -3.29 -14.13 -14.89
CA LYS A 330 -3.76 -13.13 -13.95
C LYS A 330 -3.36 -11.74 -14.41
N ILE A 331 -4.33 -10.84 -14.53
CA ILE A 331 -4.09 -9.44 -14.91
C ILE A 331 -4.27 -8.56 -13.68
N ILE A 332 -3.25 -7.76 -13.39
CA ILE A 332 -3.25 -6.86 -12.25
C ILE A 332 -3.33 -5.43 -12.77
N ALA A 333 -4.45 -4.78 -12.49
CA ALA A 333 -4.68 -3.44 -12.96
C ALA A 333 -5.13 -2.60 -11.76
N PRO A 334 -4.17 -2.12 -10.95
CA PRO A 334 -4.57 -1.34 -9.77
C PRO A 334 -5.28 -0.01 -10.14
N PRO A 335 -6.18 0.48 -9.25
CA PRO A 335 -6.94 1.70 -9.57
C PRO A 335 -6.08 2.97 -9.76
N GLU A 336 -4.89 3.00 -9.19
CA GLU A 336 -3.97 4.14 -9.28
C GLU A 336 -2.99 4.05 -10.48
N ARG A 337 -3.23 3.13 -11.43
CA ARG A 337 -2.27 2.79 -12.48
C ARG A 337 -1.94 3.88 -13.53
N LYS A 338 -2.75 4.91 -13.56
CA LYS A 338 -2.48 6.13 -14.31
C LYS A 338 -1.16 6.78 -13.88
N TYR A 339 -0.72 6.52 -12.63
CA TYR A 339 0.49 7.10 -12.07
C TYR A 339 1.42 6.06 -11.45
N SER A 340 1.27 4.78 -11.79
CA SER A 340 2.03 3.76 -11.11
C SER A 340 3.53 3.79 -11.43
N VAL A 341 3.96 4.40 -12.53
CA VAL A 341 5.40 4.65 -12.71
C VAL A 341 5.89 5.60 -11.61
N TRP A 342 5.20 6.73 -11.49
CA TRP A 342 5.52 7.73 -10.48
C TRP A 342 5.51 7.13 -9.05
N ILE A 343 4.46 6.38 -8.72
CA ILE A 343 4.35 5.73 -7.43
C ILE A 343 5.52 4.76 -7.20
N GLY A 344 5.87 3.99 -8.21
CA GLY A 344 7.09 3.14 -8.14
C GLY A 344 8.34 3.91 -7.80
N GLY A 345 8.50 5.09 -8.42
CA GLY A 345 9.61 5.97 -8.15
C GLY A 345 9.60 6.60 -6.76
N SER A 346 8.41 6.98 -6.29
CA SER A 346 8.25 7.50 -4.94
C SER A 346 8.60 6.44 -3.88
N ILE A 347 8.24 5.19 -4.15
CA ILE A 347 8.60 4.09 -3.26
C ILE A 347 10.10 3.88 -3.28
N LEU A 348 10.65 3.67 -4.47
CA LEU A 348 12.08 3.35 -4.61
C LEU A 348 12.97 4.41 -3.95
N ALA A 349 12.68 5.68 -4.20
CA ALA A 349 13.49 6.79 -3.66
C ALA A 349 13.29 7.01 -2.15
N SER A 350 12.23 6.44 -1.58
CA SER A 350 12.02 6.45 -0.12
C SER A 350 12.83 5.42 0.68
N LEU A 351 13.40 4.41 0.02
CA LEU A 351 13.98 3.26 0.74
C LEU A 351 15.39 3.60 1.22
N SER A 352 15.71 3.20 2.46
CA SER A 352 17.05 3.43 3.00
C SER A 352 18.07 2.56 2.28
N THR A 353 17.66 1.35 1.89
CA THR A 353 18.51 0.45 1.08
C THR A 353 18.86 1.06 -0.28
N PHE A 354 17.97 1.90 -0.81
CA PHE A 354 18.23 2.63 -2.04
C PHE A 354 19.23 3.78 -1.90
N GLN A 355 19.42 4.34 -0.71
CA GLN A 355 20.19 5.59 -0.56
C GLN A 355 21.68 5.48 -0.96
N GLN A 356 22.20 4.26 -1.09
CA GLN A 356 23.54 4.03 -1.69
C GLN A 356 23.54 3.92 -3.22
N MET A 357 22.43 3.49 -3.81
CA MET A 357 22.31 3.35 -5.27
C MET A 357 22.34 4.67 -6.05
N TRP A 358 22.02 5.80 -5.40
CA TRP A 358 22.16 7.14 -6.00
C TRP A 358 23.54 7.36 -6.61
N ILE A 359 23.58 7.93 -7.81
CA ILE A 359 24.83 8.50 -8.34
C ILE A 359 24.99 9.84 -7.66
N THR A 360 26.11 10.06 -6.96
CA THR A 360 26.37 11.32 -6.27
C THR A 360 27.17 12.32 -7.15
N LYS A 361 27.07 13.60 -6.83
CA LYS A 361 27.82 14.66 -7.53
C LYS A 361 29.34 14.37 -7.57
N GLN A 362 29.87 13.82 -6.48
CA GLN A 362 31.30 13.50 -6.38
C GLN A 362 31.70 12.37 -7.34
N GLU A 363 30.87 11.32 -7.39
CA GLU A 363 31.05 10.19 -8.33
C GLU A 363 30.99 10.62 -9.79
N TYR A 364 30.03 11.49 -10.11
CA TYR A 364 29.94 12.07 -11.45
C TYR A 364 31.17 12.91 -11.79
N ASP A 365 31.62 13.73 -10.85
CA ASP A 365 32.77 14.63 -11.07
C ASP A 365 34.09 13.90 -11.33
N GLU A 366 34.18 12.61 -10.97
CA GLU A 366 35.37 11.79 -11.24
C GLU A 366 35.21 10.76 -12.38
N ALA A 367 33.98 10.30 -12.63
CA ALA A 367 33.71 9.30 -13.68
C ALA A 367 33.15 9.88 -14.99
N GLY A 368 32.30 10.91 -14.90
CA GLY A 368 31.66 11.50 -16.08
C GLY A 368 30.28 10.89 -16.32
N PRO A 369 29.61 11.31 -17.42
CA PRO A 369 28.28 10.78 -17.78
C PRO A 369 28.14 9.24 -17.90
N SER A 370 29.21 8.55 -18.29
CA SER A 370 29.16 7.08 -18.45
C SER A 370 29.00 6.29 -17.13
N ILE A 371 29.10 6.98 -15.99
CA ILE A 371 28.80 6.39 -14.67
C ILE A 371 27.36 5.86 -14.57
N VAL A 372 26.45 6.39 -15.40
CA VAL A 372 25.01 5.99 -15.31
C VAL A 372 24.80 4.54 -15.76
N HIS A 373 25.63 4.03 -16.68
CA HIS A 373 25.43 2.64 -17.19
C HIS A 373 25.86 1.60 -16.16
N ARG A 374 26.75 1.98 -15.24
CA ARG A 374 27.30 1.04 -14.23
C ARG A 374 26.39 0.95 -13.00
N LYS A 375 25.67 2.03 -12.68
CA LYS A 375 24.86 2.08 -11.45
C LYS A 375 23.35 1.91 -11.65
N CYS A 376 22.87 2.02 -12.89
CA CYS A 376 21.44 2.02 -13.27
C CYS A 376 21.21 1.03 -14.40
N THR B 7 -5.33 -22.69 -4.25
CA THR B 7 -4.82 -22.99 -2.88
C THR B 7 -4.52 -21.71 -2.08
N THR B 8 -5.57 -21.08 -1.56
CA THR B 8 -5.42 -19.85 -0.79
C THR B 8 -4.82 -20.10 0.59
N ALA B 9 -3.92 -19.22 1.01
CA ALA B 9 -3.30 -19.31 2.33
C ALA B 9 -4.16 -18.62 3.38
N LEU B 10 -4.29 -19.25 4.54
CA LEU B 10 -4.98 -18.66 5.68
C LEU B 10 -4.02 -17.85 6.56
N VAL B 11 -4.52 -16.78 7.17
CA VAL B 11 -3.76 -15.93 8.08
C VAL B 11 -4.56 -15.73 9.37
N CYS B 12 -4.10 -16.35 10.45
CA CYS B 12 -4.76 -16.23 11.74
C CYS B 12 -3.83 -15.51 12.69
N ASP B 13 -4.21 -14.30 13.10
CA ASP B 13 -3.52 -13.51 14.13
C ASP B 13 -4.27 -13.60 15.48
N ASN B 14 -3.75 -14.43 16.38
CA ASN B 14 -4.36 -14.65 17.69
C ASN B 14 -3.88 -13.65 18.73
N GLY B 15 -4.79 -12.87 19.30
CA GLY B 15 -4.42 -11.86 20.31
C GLY B 15 -5.04 -12.15 21.66
N SER B 16 -4.60 -11.43 22.69
CA SER B 16 -5.12 -11.61 24.07
C SER B 16 -6.63 -11.37 24.08
N GLY B 17 -7.09 -10.33 23.40
CA GLY B 17 -8.51 -9.98 23.35
C GLY B 17 -9.21 -10.41 22.07
N LEU B 18 -8.57 -10.26 20.92
CA LEU B 18 -9.28 -10.58 19.65
C LEU B 18 -8.48 -11.47 18.70
N VAL B 19 -9.20 -12.39 18.05
CA VAL B 19 -8.70 -13.20 16.95
C VAL B 19 -9.03 -12.43 15.67
N LYS B 20 -8.03 -12.29 14.79
CA LYS B 20 -8.16 -11.64 13.50
C LYS B 20 -7.72 -12.72 12.50
N ALA B 21 -8.66 -13.14 11.65
CA ALA B 21 -8.42 -14.26 10.76
C ALA B 21 -8.99 -13.98 9.39
N GLY B 22 -8.33 -14.52 8.38
CA GLY B 22 -8.80 -14.36 7.03
C GLY B 22 -7.93 -15.02 5.98
N PHE B 23 -7.98 -14.44 4.78
CA PHE B 23 -7.36 -15.02 3.60
C PHE B 23 -6.24 -14.14 3.12
N ALA B 24 -5.05 -14.74 2.96
CA ALA B 24 -3.93 -14.10 2.25
C ALA B 24 -4.42 -13.48 0.94
N GLY B 25 -3.99 -12.25 0.68
CA GLY B 25 -4.45 -11.47 -0.47
C GLY B 25 -5.39 -10.36 -0.07
N ASP B 26 -6.32 -10.63 0.86
CA ASP B 26 -7.27 -9.62 1.28
C ASP B 26 -6.58 -8.50 2.04
N ASP B 27 -7.13 -7.30 1.96
CA ASP B 27 -6.57 -6.13 2.66
C ASP B 27 -7.11 -5.96 4.09
N ALA B 28 -7.94 -6.91 4.54
CA ALA B 28 -8.46 -6.88 5.91
C ALA B 28 -8.96 -8.27 6.34
N PRO B 29 -8.89 -8.56 7.65
CA PRO B 29 -9.34 -9.86 8.12
C PRO B 29 -10.83 -9.99 7.92
N ARG B 30 -11.27 -11.18 7.54
CA ARG B 30 -12.67 -11.46 7.27
C ARG B 30 -13.45 -11.70 8.58
N ALA B 31 -12.76 -12.26 9.58
CA ALA B 31 -13.35 -12.53 10.88
C ALA B 31 -12.52 -11.85 11.98
N VAL B 32 -13.23 -11.12 12.86
CA VAL B 32 -12.65 -10.54 14.06
C VAL B 32 -13.62 -10.76 15.22
N PHE B 33 -13.21 -11.58 16.19
CA PHE B 33 -14.06 -11.94 17.32
C PHE B 33 -13.26 -12.15 18.61
N PRO B 34 -13.94 -12.18 19.77
CA PRO B 34 -13.17 -12.30 21.03
C PRO B 34 -12.46 -13.63 21.23
N SER B 35 -11.25 -13.58 21.80
CA SER B 35 -10.48 -14.80 22.14
C SER B 35 -10.96 -15.36 23.48
N ILE B 36 -12.14 -15.95 23.43
CA ILE B 36 -12.86 -16.35 24.64
C ILE B 36 -13.44 -17.72 24.39
N VAL B 37 -13.33 -18.60 25.36
CA VAL B 37 -13.99 -19.91 25.36
C VAL B 37 -14.84 -20.01 26.62
N GLY B 38 -16.06 -20.51 26.46
CA GLY B 38 -17.01 -20.66 27.55
C GLY B 38 -17.36 -22.12 27.69
N ARG B 39 -17.49 -22.58 28.94
CA ARG B 39 -17.98 -23.92 29.24
C ARG B 39 -19.09 -23.80 30.27
N PRO B 40 -19.97 -24.80 30.35
CA PRO B 40 -20.95 -24.81 31.46
C PRO B 40 -20.34 -24.95 32.90
N ARG B 41 -21.21 -24.93 33.90
CA ARG B 41 -20.85 -24.87 35.34
C ARG B 41 -21.46 -26.05 36.13
N ASP B 53 -20.41 -29.49 25.46
CA ASP B 53 -19.12 -29.08 24.92
C ASP B 53 -18.81 -27.65 25.35
N SER B 54 -18.54 -26.77 24.37
CA SER B 54 -18.05 -25.41 24.63
C SER B 54 -18.34 -24.42 23.49
N TYR B 55 -18.33 -23.14 23.82
CA TYR B 55 -18.70 -22.05 22.91
C TYR B 55 -17.58 -21.05 22.83
N VAL B 56 -17.51 -20.35 21.69
CA VAL B 56 -16.39 -19.48 21.36
C VAL B 56 -16.87 -18.12 20.85
N GLY B 57 -16.07 -17.09 21.11
CA GLY B 57 -16.25 -15.81 20.48
C GLY B 57 -17.51 -15.12 20.94
N ASP B 58 -18.27 -14.62 19.97
CA ASP B 58 -19.45 -13.80 20.23
C ASP B 58 -20.56 -14.63 20.89
N GLU B 59 -20.67 -15.91 20.52
CA GLU B 59 -21.65 -16.82 21.09
C GLU B 59 -21.38 -17.17 22.57
N ALA B 60 -20.13 -17.24 22.96
CA ALA B 60 -19.75 -17.44 24.38
C ALA B 60 -20.12 -16.21 25.20
N GLN B 61 -19.83 -15.03 24.64
CA GLN B 61 -20.27 -13.74 25.20
C GLN B 61 -21.80 -13.64 25.31
N SER B 62 -22.50 -14.02 24.23
CA SER B 62 -23.98 -14.09 24.22
C SER B 62 -24.56 -14.90 25.38
N LYS B 63 -23.93 -16.05 25.65
CA LYS B 63 -24.40 -16.97 26.69
C LYS B 63 -23.52 -16.94 27.97
N ARG B 64 -22.96 -15.77 28.28
CA ARG B 64 -22.05 -15.60 29.42
C ARG B 64 -22.69 -15.93 30.78
N GLY B 65 -24.00 -15.70 30.91
CA GLY B 65 -24.72 -15.95 32.17
C GLY B 65 -24.89 -17.41 32.60
N ILE B 66 -24.61 -18.35 31.69
CA ILE B 66 -24.56 -19.80 32.01
C ILE B 66 -23.18 -20.43 31.75
N LEU B 67 -22.19 -19.62 31.38
CA LEU B 67 -20.84 -20.10 31.07
C LEU B 67 -19.75 -19.48 31.98
N THR B 68 -18.70 -20.25 32.22
CA THR B 68 -17.44 -19.74 32.74
C THR B 68 -16.58 -19.41 31.53
N LEU B 69 -16.31 -18.12 31.34
CA LEU B 69 -15.48 -17.66 30.22
C LEU B 69 -13.99 -17.67 30.58
N LYS B 70 -13.15 -17.97 29.58
CA LYS B 70 -11.69 -18.00 29.81
C LYS B 70 -10.95 -17.43 28.60
N TYR B 71 -9.84 -16.75 28.83
CA TYR B 71 -8.98 -16.20 27.75
C TYR B 71 -7.74 -17.10 27.64
N PRO B 72 -7.64 -17.94 26.58
CA PRO B 72 -6.49 -18.84 26.42
C PRO B 72 -5.15 -18.10 26.28
N ILE B 73 -5.19 -16.87 25.75
CA ILE B 73 -3.97 -16.07 25.56
C ILE B 73 -3.90 -14.94 26.58
N GLU B 74 -2.82 -14.93 27.36
CA GLU B 74 -2.54 -13.88 28.36
C GLU B 74 -1.24 -13.17 28.00
N GLY B 76 -0.36 -11.86 25.31
CA GLY B 76 0.11 -12.38 24.01
C GLY B 76 0.65 -13.79 23.94
N ILE B 77 0.70 -14.51 25.06
CA ILE B 77 1.24 -15.86 25.17
C ILE B 77 0.09 -16.83 25.41
N ILE B 78 0.10 -17.95 24.72
CA ILE B 78 -0.92 -19.01 24.87
C ILE B 78 -0.61 -19.74 26.16
N THR B 79 -1.55 -19.71 27.11
CA THR B 79 -1.41 -20.40 28.41
C THR B 79 -2.38 -21.57 28.63
N ASN B 80 -3.43 -21.69 27.80
CA ASN B 80 -4.40 -22.79 27.88
C ASN B 80 -4.49 -23.42 26.49
N TRP B 81 -3.85 -24.57 26.32
CA TRP B 81 -3.76 -25.21 25.01
C TRP B 81 -5.03 -25.91 24.55
N ASP B 82 -5.72 -26.57 25.48
CA ASP B 82 -7.01 -27.21 25.21
C ASP B 82 -8.02 -26.19 24.69
N ASP B 83 -8.11 -25.01 25.33
CA ASP B 83 -8.98 -23.93 24.87
C ASP B 83 -8.46 -23.29 23.58
N MET B 84 -7.16 -23.17 23.44
CA MET B 84 -6.59 -22.67 22.18
C MET B 84 -6.97 -23.54 20.97
N GLU B 85 -7.04 -24.87 21.16
CA GLU B 85 -7.54 -25.78 20.12
C GLU B 85 -8.98 -25.44 19.70
N LYS B 86 -9.82 -25.12 20.68
CA LYS B 86 -11.23 -24.76 20.39
C LYS B 86 -11.25 -23.49 19.54
N ILE B 87 -10.51 -22.47 19.94
CA ILE B 87 -10.45 -21.20 19.19
C ILE B 87 -10.06 -21.46 17.74
N TRP B 88 -9.07 -22.30 17.52
CA TRP B 88 -8.60 -22.57 16.16
C TRP B 88 -9.61 -23.37 15.34
N HIS B 89 -10.22 -24.36 16.00
CA HIS B 89 -11.31 -25.14 15.42
C HIS B 89 -12.46 -24.22 14.99
N HIS B 90 -12.88 -23.33 15.88
CA HIS B 90 -13.93 -22.38 15.59
C HIS B 90 -13.55 -21.36 14.48
N THR B 91 -12.29 -20.95 14.45
CA THR B 91 -11.81 -20.03 13.42
C THR B 91 -11.90 -20.68 12.03
N PHE B 92 -11.42 -21.92 11.91
CA PHE B 92 -11.43 -22.66 10.66
C PHE B 92 -12.85 -23.00 10.22
N TYR B 93 -13.56 -23.76 11.05
CA TYR B 93 -14.83 -24.39 10.65
C TYR B 93 -16.01 -23.45 10.68
N ASN B 94 -16.13 -22.61 11.70
CA ASN B 94 -17.30 -21.73 11.86
C ASN B 94 -17.14 -20.36 11.22
N GLU B 95 -15.99 -19.71 11.46
CA GLU B 95 -15.81 -18.30 11.08
C GLU B 95 -15.36 -18.14 9.64
N LEU B 96 -14.33 -18.89 9.25
CA LEU B 96 -13.82 -18.87 7.89
C LEU B 96 -14.49 -19.87 6.95
N ARG B 97 -15.15 -20.88 7.52
CA ARG B 97 -15.86 -21.90 6.76
C ARG B 97 -14.94 -22.62 5.77
N VAL B 98 -13.83 -23.12 6.29
CA VAL B 98 -12.87 -23.89 5.48
C VAL B 98 -12.49 -25.20 6.16
N ALA B 99 -12.04 -26.13 5.33
CA ALA B 99 -11.38 -27.35 5.76
C ALA B 99 -9.87 -27.02 5.89
N PRO B 100 -9.32 -27.03 7.12
CA PRO B 100 -7.93 -26.57 7.31
C PRO B 100 -6.87 -27.46 6.68
N GLU B 101 -7.19 -28.74 6.46
CA GLU B 101 -6.30 -29.66 5.71
C GLU B 101 -6.03 -29.27 4.25
N GLU B 102 -6.80 -28.32 3.72
CA GLU B 102 -6.63 -27.85 2.34
C GLU B 102 -5.89 -26.51 2.20
N HIS B 103 -5.51 -25.87 3.31
CA HIS B 103 -4.92 -24.53 3.27
C HIS B 103 -3.60 -24.40 4.08
N PRO B 104 -2.54 -23.84 3.46
CA PRO B 104 -1.38 -23.36 4.23
C PRO B 104 -1.80 -22.26 5.18
N THR B 105 -1.34 -22.35 6.43
CA THR B 105 -1.84 -21.48 7.50
C THR B 105 -0.69 -20.72 8.18
N LEU B 106 -0.65 -19.41 8.00
CA LEU B 106 0.30 -18.56 8.75
C LEU B 106 -0.30 -18.15 10.10
N LEU B 107 0.39 -18.47 11.19
CA LEU B 107 -0.01 -18.00 12.53
C LEU B 107 0.94 -16.92 12.95
N THR B 108 0.62 -16.25 14.04
CA THR B 108 1.45 -15.19 14.58
C THR B 108 1.81 -15.49 16.02
N GLU B 109 2.80 -14.81 16.56
CA GLU B 109 3.22 -15.00 17.93
C GLU B 109 3.78 -13.72 18.54
N ALA B 110 3.73 -13.66 19.87
CA ALA B 110 4.32 -12.55 20.63
C ALA B 110 5.85 -12.54 20.50
N PRO B 111 6.47 -11.37 20.73
CA PRO B 111 7.92 -11.36 20.92
C PRO B 111 8.28 -12.07 22.22
N LEU B 112 9.41 -12.76 22.22
CA LEU B 112 9.88 -13.59 23.36
C LEU B 112 8.87 -14.71 23.72
N ASN B 113 8.25 -15.30 22.70
CA ASN B 113 7.33 -16.42 22.92
C ASN B 113 8.20 -17.64 23.17
N PRO B 114 8.04 -18.33 24.31
CA PRO B 114 8.96 -19.44 24.61
C PRO B 114 9.05 -20.52 23.53
N LYS B 115 10.14 -21.26 23.55
CA LYS B 115 10.41 -22.27 22.52
C LYS B 115 9.45 -23.46 22.60
N ALA B 116 9.09 -23.85 23.82
CA ALA B 116 8.09 -24.91 24.02
C ALA B 116 6.73 -24.55 23.39
N ASN B 117 6.35 -23.28 23.44
CA ASN B 117 5.10 -22.79 22.83
C ASN B 117 5.11 -22.90 21.30
N ARG B 118 6.20 -22.46 20.68
CA ARG B 118 6.40 -22.59 19.22
C ARG B 118 6.23 -24.02 18.70
N GLU B 119 6.79 -24.98 19.44
CA GLU B 119 6.67 -26.40 19.09
C GLU B 119 5.26 -26.94 19.27
N LYS B 120 4.61 -26.54 20.37
CA LYS B 120 3.26 -27.03 20.71
C LYS B 120 2.24 -26.54 19.68
N MET B 121 2.39 -25.27 19.29
CA MET B 121 1.57 -24.66 18.24
C MET B 121 1.71 -25.42 16.94
N THR B 122 2.95 -25.69 16.55
CA THR B 122 3.27 -26.41 15.32
C THR B 122 2.71 -27.83 15.36
N GLN B 123 2.89 -28.52 16.48
CA GLN B 123 2.37 -29.88 16.68
C GLN B 123 0.87 -29.92 16.46
N ILE B 124 0.15 -29.04 17.15
CA ILE B 124 -1.30 -28.96 17.06
C ILE B 124 -1.77 -28.74 15.62
N MET B 125 -1.07 -27.90 14.88
CA MET B 125 -1.46 -27.59 13.49
C MET B 125 -1.38 -28.79 12.54
N PHE B 126 -0.29 -29.53 12.61
CA PHE B 126 -0.09 -30.69 11.73
C PHE B 126 -0.84 -31.95 12.18
N GLU B 127 -0.95 -32.17 13.48
CA GLU B 127 -1.51 -33.42 14.01
C GLU B 127 -2.99 -33.36 14.31
N THR B 128 -3.46 -32.27 14.91
CA THR B 128 -4.89 -32.13 15.21
C THR B 128 -5.67 -31.62 13.99
N PHE B 129 -5.13 -30.61 13.29
CA PHE B 129 -5.80 -29.97 12.15
C PHE B 129 -5.32 -30.43 10.77
N ASN B 130 -4.21 -31.16 10.71
CA ASN B 130 -3.72 -31.75 9.45
C ASN B 130 -3.50 -30.73 8.34
N VAL B 131 -2.95 -29.56 8.68
CA VAL B 131 -2.65 -28.55 7.66
C VAL B 131 -1.56 -29.09 6.71
N PRO B 132 -1.62 -28.70 5.42
CA PRO B 132 -0.57 -29.08 4.48
C PRO B 132 0.72 -28.28 4.68
N ALA B 133 0.60 -27.09 5.25
CA ALA B 133 1.77 -26.29 5.61
C ALA B 133 1.42 -25.24 6.67
N MET B 134 2.44 -24.73 7.35
CA MET B 134 2.21 -23.70 8.39
C MET B 134 3.49 -22.88 8.60
N TYR B 135 3.33 -21.64 9.05
CA TYR B 135 4.49 -20.76 9.35
C TYR B 135 4.14 -19.91 10.58
N VAL B 136 5.13 -19.54 11.38
CA VAL B 136 4.87 -18.67 12.56
C VAL B 136 5.75 -17.43 12.44
N ALA B 137 5.10 -16.26 12.43
CA ALA B 137 5.79 -14.99 12.30
C ALA B 137 5.61 -14.19 13.59
N ILE B 138 6.56 -13.30 13.86
CA ILE B 138 6.45 -12.39 14.99
C ILE B 138 5.53 -11.23 14.60
N GLN B 139 4.60 -10.90 15.49
CA GLN B 139 3.53 -9.96 15.18
C GLN B 139 4.10 -8.59 14.85
N ALA B 140 5.02 -8.11 15.68
CA ALA B 140 5.66 -6.81 15.45
C ALA B 140 6.39 -6.71 14.12
N VAL B 141 7.04 -7.81 13.72
CA VAL B 141 7.71 -7.84 12.42
C VAL B 141 6.66 -7.70 11.32
N LEU B 142 5.50 -8.34 11.47
CA LEU B 142 4.45 -8.22 10.46
C LEU B 142 3.90 -6.78 10.33
N SER B 143 3.68 -6.12 11.47
CA SER B 143 3.31 -4.71 11.47
C SER B 143 4.34 -3.82 10.79
N LEU B 144 5.61 -4.08 11.04
CA LEU B 144 6.64 -3.29 10.36
C LEU B 144 6.55 -3.52 8.83
N TYR B 145 6.42 -4.79 8.43
CA TYR B 145 6.20 -5.14 7.02
C TYR B 145 4.98 -4.44 6.42
N ALA B 146 3.89 -4.36 7.20
CA ALA B 146 2.67 -3.64 6.78
C ALA B 146 2.91 -2.15 6.49
N SER B 147 3.92 -1.58 7.15
CA SER B 147 4.30 -0.20 6.93
C SER B 147 5.30 0.04 5.79
N GLY B 148 5.71 -1.00 5.06
CA GLY B 148 6.66 -0.85 3.97
C GLY B 148 8.13 -0.77 4.39
N ARG B 149 8.42 -1.35 5.55
CA ARG B 149 9.73 -1.26 6.20
C ARG B 149 10.22 -2.64 6.62
N THR B 150 11.53 -2.81 6.60
CA THR B 150 12.17 -3.94 7.25
C THR B 150 13.07 -3.54 8.42
N THR B 151 13.32 -2.24 8.61
CA THR B 151 14.08 -1.74 9.76
C THR B 151 13.28 -0.65 10.45
N GLY B 152 13.24 -0.71 11.78
CA GLY B 152 12.43 0.23 12.56
C GLY B 152 12.13 -0.32 13.95
N ILE B 153 11.44 0.47 14.76
CA ILE B 153 11.05 0.01 16.09
C ILE B 153 9.54 0.10 16.15
N VAL B 154 8.89 -1.03 16.40
CA VAL B 154 7.45 -1.08 16.57
C VAL B 154 7.06 -0.84 18.05
N LEU B 155 6.02 -0.04 18.28
CA LEU B 155 5.24 -0.10 19.51
C LEU B 155 3.95 -0.84 19.20
N ASP B 156 3.82 -2.07 19.73
CA ASP B 156 2.62 -2.91 19.55
C ASP B 156 1.89 -2.92 20.89
N SER B 157 0.72 -2.30 20.92
CA SER B 157 -0.12 -2.25 22.13
C SER B 157 -1.51 -2.73 21.76
N GLY B 158 -1.93 -3.83 22.38
CA GLY B 158 -3.24 -4.44 22.11
C GLY B 158 -4.13 -4.40 23.34
N ASP B 159 -4.75 -5.53 23.67
CA ASP B 159 -5.68 -5.64 24.82
C ASP B 159 -4.95 -6.12 26.08
N GLY B 160 -4.00 -7.04 25.97
CA GLY B 160 -3.37 -7.55 27.20
C GLY B 160 -1.91 -7.17 27.38
N VAL B 161 -1.23 -6.67 26.35
CA VAL B 161 0.21 -6.37 26.54
C VAL B 161 0.71 -5.34 25.53
N THR B 162 1.68 -4.54 25.94
CA THR B 162 2.39 -3.60 25.06
C THR B 162 3.88 -4.03 24.93
N HIS B 163 4.41 -3.96 23.73
CA HIS B 163 5.80 -4.28 23.47
C HIS B 163 6.43 -3.16 22.65
N ASN B 164 7.70 -2.86 22.97
CA ASN B 164 8.60 -2.20 22.03
C ASN B 164 9.54 -3.22 21.40
N VAL B 165 9.55 -3.29 20.08
CA VAL B 165 10.31 -4.32 19.36
C VAL B 165 11.16 -3.64 18.29
N PRO B 166 12.45 -3.39 18.58
CA PRO B 166 13.35 -2.94 17.54
C PRO B 166 13.71 -4.08 16.60
N ILE B 167 13.77 -3.75 15.31
CA ILE B 167 13.90 -4.72 14.24
C ILE B 167 14.93 -4.24 13.22
N TYR B 168 15.89 -5.08 12.85
CA TYR B 168 16.88 -4.72 11.87
C TYR B 168 16.79 -5.69 10.71
N GLU B 169 16.35 -5.18 9.56
CA GLU B 169 16.33 -5.95 8.32
C GLU B 169 15.56 -7.27 8.45
N GLY B 170 14.33 -7.19 8.95
CA GLY B 170 13.47 -8.37 9.13
C GLY B 170 13.60 -9.16 10.43
N TYR B 171 14.57 -8.81 11.29
CA TYR B 171 14.86 -9.59 12.50
C TYR B 171 14.68 -8.76 13.75
N ALA B 172 13.83 -9.24 14.63
CA ALA B 172 13.64 -8.63 15.93
C ALA B 172 14.92 -8.81 16.72
N LEU B 173 15.26 -7.80 17.52
CA LEU B 173 16.47 -7.81 18.34
C LEU B 173 16.05 -8.15 19.78
N PRO B 174 16.09 -9.45 20.15
CA PRO B 174 15.49 -9.90 21.43
C PRO B 174 16.04 -9.20 22.68
N HIS B 175 17.34 -8.95 22.69
CA HIS B 175 18.03 -8.25 23.79
C HIS B 175 17.56 -6.81 24.06
N ALA B 176 16.83 -6.21 23.12
CA ALA B 176 16.36 -4.82 23.21
C ALA B 176 14.84 -4.68 23.30
N ILE B 177 14.12 -5.80 23.38
CA ILE B 177 12.65 -5.76 23.48
C ILE B 177 12.24 -5.29 24.89
N MET B 178 11.23 -4.44 24.95
CA MET B 178 10.64 -3.99 26.22
C MET B 178 9.18 -4.46 26.28
N ARG B 179 8.82 -5.06 27.41
CA ARG B 179 7.46 -5.57 27.62
C ARG B 179 6.84 -4.81 28.79
N LEU B 180 5.63 -4.34 28.56
CA LEU B 180 4.90 -3.57 29.54
C LEU B 180 3.54 -4.24 29.69
N ASP B 181 3.22 -4.67 30.92
CA ASP B 181 1.99 -5.45 31.18
C ASP B 181 0.87 -4.45 31.49
N LEU B 182 0.66 -3.57 30.52
CA LEU B 182 -0.34 -2.48 30.58
C LEU B 182 -0.86 -2.25 29.16
N ALA B 183 -2.13 -2.55 28.91
CA ALA B 183 -2.72 -2.37 27.57
C ALA B 183 -4.20 -1.97 27.68
N GLY B 184 -4.92 -2.09 26.56
CA GLY B 184 -6.35 -1.74 26.41
C GLY B 184 -7.24 -2.19 27.54
N ARG B 185 -7.07 -3.43 28.02
CA ARG B 185 -7.92 -3.98 29.11
C ARG B 185 -7.80 -3.11 30.37
N ASP B 186 -6.59 -2.64 30.67
CA ASP B 186 -6.30 -1.79 31.86
C ASP B 186 -6.90 -0.40 31.65
N LEU B 187 -6.88 0.12 30.41
CA LEU B 187 -7.45 1.44 30.11
C LEU B 187 -8.98 1.37 30.24
N THR B 188 -9.58 0.27 29.80
CA THR B 188 -11.05 0.07 29.91
C THR B 188 -11.41 -0.06 31.40
N ASP B 189 -10.60 -0.80 32.16
CA ASP B 189 -10.83 -1.00 33.61
C ASP B 189 -10.71 0.35 34.32
N TYR B 190 -9.76 1.19 33.89
CA TYR B 190 -9.55 2.54 34.48
C TYR B 190 -10.76 3.43 34.19
N LEU B 191 -11.21 3.47 32.93
CA LEU B 191 -12.37 4.28 32.56
C LEU B 191 -13.62 3.83 33.32
N MET B 192 -13.76 2.52 33.48
CA MET B 192 -14.87 1.96 34.22
C MET B 192 -14.84 2.34 35.69
N LYS B 193 -13.66 2.35 36.29
CA LYS B 193 -13.50 2.68 37.70
C LYS B 193 -13.87 4.15 37.99
N ILE B 194 -13.40 5.07 37.14
CA ILE B 194 -13.76 6.48 37.22
C ILE B 194 -15.28 6.71 37.12
N LEU B 195 -15.89 6.10 36.10
CA LEU B 195 -17.34 6.25 35.84
C LEU B 195 -18.22 5.61 36.93
N THR B 196 -17.80 4.45 37.45
CA THR B 196 -18.51 3.79 38.54
C THR B 196 -18.36 4.49 39.88
N GLU B 197 -17.23 5.14 40.10
CA GLU B 197 -17.10 6.01 41.29
C GLU B 197 -18.03 7.24 41.19
N ARG B 198 -18.25 7.73 39.96
CA ARG B 198 -19.20 8.81 39.69
C ARG B 198 -20.67 8.34 39.68
N GLY B 199 -20.93 7.06 39.86
CA GLY B 199 -22.28 6.58 40.14
C GLY B 199 -22.99 5.80 39.06
N TYR B 200 -22.33 5.57 37.93
CA TYR B 200 -22.93 4.78 36.86
C TYR B 200 -22.79 3.29 37.12
N SER B 201 -23.88 2.57 36.96
CA SER B 201 -23.84 1.12 37.04
C SER B 201 -23.18 0.49 35.78
N PHE B 202 -22.04 -0.15 36.01
CA PHE B 202 -21.28 -0.85 34.97
C PHE B 202 -20.62 -2.00 35.73
N VAL B 203 -21.43 -3.00 36.07
CA VAL B 203 -21.05 -4.11 36.95
C VAL B 203 -20.73 -5.37 36.15
N THR B 204 -21.71 -5.87 35.37
CA THR B 204 -21.57 -7.12 34.61
C THR B 204 -20.52 -7.01 33.51
N THR B 205 -20.01 -8.16 33.05
CA THR B 205 -19.05 -8.19 31.94
C THR B 205 -19.65 -7.69 30.64
N ALA B 206 -20.94 -7.89 30.44
CA ALA B 206 -21.70 -7.29 29.34
C ALA B 206 -21.63 -5.76 29.39
N GLU B 207 -21.83 -5.22 30.58
CA GLU B 207 -21.82 -3.74 30.80
C GLU B 207 -20.40 -3.20 30.59
N ARG B 208 -19.39 -4.07 30.73
CA ARG B 208 -17.97 -3.64 30.55
C ARG B 208 -17.74 -3.37 29.07
N GLU B 209 -18.39 -4.14 28.19
CA GLU B 209 -18.22 -3.94 26.73
C GLU B 209 -18.69 -2.52 26.37
N ILE B 210 -19.69 -2.00 27.08
CA ILE B 210 -20.13 -0.61 26.82
C ILE B 210 -19.01 0.40 27.12
N VAL B 211 -18.35 0.23 28.27
CA VAL B 211 -17.24 1.13 28.67
C VAL B 211 -16.09 1.02 27.64
N ARG B 212 -15.81 -0.19 27.17
CA ARG B 212 -14.86 -0.36 26.08
C ARG B 212 -15.29 0.45 24.85
N ASP B 213 -16.58 0.40 24.51
CA ASP B 213 -17.08 1.20 23.39
C ASP B 213 -16.88 2.71 23.60
N ILE B 214 -17.18 3.20 24.80
CA ILE B 214 -16.99 4.62 25.13
C ILE B 214 -15.54 5.03 24.99
N LYS B 215 -14.64 4.17 25.44
CA LYS B 215 -13.20 4.41 25.36
C LYS B 215 -12.74 4.56 23.90
N GLU B 216 -13.21 3.67 23.03
CA GLU B 216 -12.81 3.68 21.61
C GLU B 216 -13.40 4.85 20.83
N LYS B 217 -14.58 5.32 21.26
CA LYS B 217 -15.29 6.40 20.54
C LYS B 217 -14.90 7.80 20.98
N LEU B 218 -14.70 7.99 22.28
CA LEU B 218 -14.54 9.33 22.82
C LEU B 218 -13.17 9.65 23.40
N CYS B 219 -12.35 8.66 23.74
CA CYS B 219 -11.05 8.97 24.35
C CYS B 219 -10.04 9.44 23.31
N TYR B 220 -9.07 10.23 23.78
CA TYR B 220 -7.99 10.79 22.94
C TYR B 220 -6.83 11.15 23.84
N VAL B 221 -5.67 11.34 23.25
CA VAL B 221 -4.46 11.65 24.02
C VAL B 221 -4.19 13.14 23.88
N ALA B 222 -4.08 13.82 25.01
CA ALA B 222 -3.75 15.24 25.03
C ALA B 222 -2.30 15.46 24.64
N LEU B 223 -2.05 16.50 23.83
CA LEU B 223 -0.70 16.91 23.51
C LEU B 223 0.04 17.36 24.78
N ASP B 224 -0.62 18.19 25.59
CA ASP B 224 -0.11 18.63 26.89
C ASP B 224 -1.20 18.39 27.95
N PHE B 225 -0.94 17.45 28.84
CA PHE B 225 -1.93 17.01 29.83
C PHE B 225 -2.45 18.15 30.73
N GLU B 226 -1.52 18.91 31.31
CA GLU B 226 -1.85 20.09 32.15
C GLU B 226 -2.77 21.08 31.45
N ASN B 227 -2.37 21.53 30.27
CA ASN B 227 -3.15 22.51 29.49
C ASN B 227 -4.54 21.95 29.18
N GLU B 228 -4.63 20.64 28.97
CA GLU B 228 -5.91 19.99 28.72
C GLU B 228 -6.81 20.03 29.98
N MET B 229 -6.27 19.65 31.15
CA MET B 229 -7.02 19.70 32.40
CA MET B 229 -6.96 19.73 32.45
C MET B 229 -7.54 21.14 32.67
N ALA B 230 -6.69 22.13 32.40
CA ALA B 230 -7.04 23.53 32.52
C ALA B 230 -8.12 23.99 31.53
N THR B 231 -8.07 23.49 30.30
CA THR B 231 -9.13 23.75 29.33
C THR B 231 -10.44 23.16 29.79
N ALA B 232 -10.39 21.89 30.23
CA ALA B 232 -11.57 21.18 30.73
C ALA B 232 -12.20 21.84 31.98
N ALA B 233 -11.39 22.56 32.75
CA ALA B 233 -11.85 23.34 33.89
C ALA B 233 -12.50 24.68 33.51
N SER B 234 -12.05 25.30 32.42
CA SER B 234 -12.49 26.65 32.00
C SER B 234 -13.75 26.68 31.12
N SER B 235 -14.12 25.53 30.59
CA SER B 235 -15.24 25.43 29.62
C SER B 235 -15.73 24.00 29.36
N SER B 236 -16.87 23.93 28.69
CA SER B 236 -17.46 22.66 28.27
C SER B 236 -17.07 22.23 26.85
N SER B 237 -16.03 22.84 26.27
CA SER B 237 -15.67 22.57 24.87
C SER B 237 -15.20 21.13 24.64
N LEU B 238 -14.70 20.46 25.67
CA LEU B 238 -14.25 19.08 25.56
C LEU B 238 -15.28 18.01 26.03
N GLU B 239 -16.47 18.42 26.43
CA GLU B 239 -17.49 17.45 26.91
C GLU B 239 -18.12 16.74 25.70
N LYS B 240 -18.47 15.47 25.90
CA LYS B 240 -19.19 14.69 24.93
C LYS B 240 -20.21 13.79 25.63
N SER B 241 -21.34 13.54 24.99
CA SER B 241 -22.37 12.63 25.50
C SER B 241 -22.28 11.26 24.79
N TYR B 242 -22.71 10.22 25.50
CA TYR B 242 -22.78 8.88 24.97
C TYR B 242 -24.09 8.27 25.43
N GLU B 243 -24.92 7.87 24.47
CA GLU B 243 -26.20 7.25 24.79
C GLU B 243 -25.97 5.75 24.94
N LEU B 244 -26.27 5.22 26.12
CA LEU B 244 -26.13 3.80 26.40
C LEU B 244 -27.26 3.03 25.72
N PRO B 245 -27.09 1.70 25.54
CA PRO B 245 -28.17 0.90 24.95
C PRO B 245 -29.51 1.04 25.66
N ASP B 246 -29.52 1.27 26.99
CA ASP B 246 -30.78 1.48 27.73
C ASP B 246 -31.37 2.89 27.70
N GLY B 247 -30.97 3.72 26.73
CA GLY B 247 -31.56 5.05 26.56
C GLY B 247 -30.85 6.15 27.33
N GLN B 248 -30.37 5.85 28.54
CA GLN B 248 -29.66 6.81 29.42
C GLN B 248 -28.47 7.44 28.70
N VAL B 249 -28.31 8.75 28.87
CA VAL B 249 -27.23 9.51 28.25
C VAL B 249 -26.24 9.91 29.34
N ILE B 250 -24.95 9.67 29.12
CA ILE B 250 -23.90 10.09 30.05
C ILE B 250 -22.88 11.00 29.38
N THR B 251 -22.48 12.03 30.13
CA THR B 251 -21.52 13.04 29.69
C THR B 251 -20.17 12.66 30.23
N ILE B 252 -19.13 12.84 29.42
CA ILE B 252 -17.77 12.73 29.91
C ILE B 252 -16.94 13.88 29.36
N GLY B 253 -16.08 14.43 30.21
CA GLY B 253 -15.18 15.52 29.86
C GLY B 253 -13.78 14.97 29.96
N ASN B 254 -13.04 15.38 30.98
CA ASN B 254 -11.61 15.10 31.04
C ASN B 254 -11.20 13.61 31.18
N GLU B 255 -12.16 12.73 31.52
CA GLU B 255 -11.97 11.27 31.47
C GLU B 255 -11.52 10.78 30.07
N ARG B 256 -12.01 11.50 29.06
CA ARG B 256 -11.61 11.29 27.67
C ARG B 256 -10.09 11.22 27.47
N PHE B 257 -9.35 12.16 28.05
CA PHE B 257 -7.90 12.16 27.91
C PHE B 257 -7.13 11.58 29.12
N ARG B 258 -7.76 11.59 30.30
CA ARG B 258 -7.16 10.97 31.49
C ARG B 258 -6.98 9.46 31.35
N CYS B 259 -7.92 8.82 30.65
CA CYS B 259 -7.89 7.37 30.46
C CYS B 259 -6.62 6.93 29.70
N PRO B 260 -6.42 7.41 28.46
CA PRO B 260 -5.19 7.08 27.74
C PRO B 260 -3.92 7.79 28.21
N GLU B 261 -4.03 8.77 29.10
CA GLU B 261 -2.84 9.34 29.73
C GLU B 261 -2.02 8.28 30.48
N THR B 262 -2.71 7.25 30.99
CA THR B 262 -2.09 6.14 31.69
C THR B 262 -0.96 5.45 30.91
N LEU B 263 -1.11 5.39 29.60
CA LEU B 263 -0.04 4.88 28.74
C LEU B 263 1.29 5.61 28.93
N PHE B 264 1.20 6.94 29.06
CA PHE B 264 2.36 7.79 29.33
C PHE B 264 2.71 7.92 30.80
N GLN B 265 1.72 7.82 31.70
CA GLN B 265 1.93 7.86 33.15
C GLN B 265 1.27 6.65 33.82
N PRO B 266 1.97 5.49 33.84
CA PRO B 266 1.36 4.29 34.42
C PRO B 266 1.04 4.35 35.89
N SER B 267 1.62 5.29 36.63
CA SER B 267 1.27 5.48 38.05
C SER B 267 -0.21 5.85 38.29
N PHE B 268 -0.90 6.33 37.25
CA PHE B 268 -2.35 6.54 37.27
C PHE B 268 -3.16 5.31 37.70
N ILE B 269 -2.65 4.10 37.46
CA ILE B 269 -3.31 2.87 37.91
C ILE B 269 -2.43 2.08 38.86
N GLY B 270 -1.52 2.76 39.57
CA GLY B 270 -0.62 2.12 40.55
C GLY B 270 0.52 1.27 40.04
N MET B 271 0.94 1.50 38.78
CA MET B 271 2.08 0.76 38.21
C MET B 271 3.33 1.60 38.25
N GLU B 272 4.41 1.00 38.75
CA GLU B 272 5.69 1.69 38.92
C GLU B 272 6.45 1.92 37.61
N SER B 273 6.19 1.12 36.58
CA SER B 273 6.99 1.18 35.34
C SER B 273 6.88 2.49 34.55
N ALA B 274 7.83 2.68 33.64
CA ALA B 274 7.87 3.84 32.77
C ALA B 274 6.75 3.79 31.73
N GLY B 275 6.52 4.95 31.13
CA GLY B 275 5.49 5.10 30.12
C GLY B 275 5.99 4.69 28.73
N ILE B 276 5.06 4.61 27.79
CA ILE B 276 5.38 4.10 26.44
C ILE B 276 6.46 4.91 25.70
N HIS B 277 6.49 6.23 25.94
CA HIS B 277 7.60 7.08 25.48
C HIS B 277 8.97 6.66 26.07
N GLU B 278 9.01 6.36 27.35
CA GLU B 278 10.28 5.98 27.98
C GLU B 278 10.77 4.60 27.56
N THR B 279 9.86 3.63 27.49
CA THR B 279 10.20 2.26 27.06
C THR B 279 10.68 2.24 25.59
N THR B 280 10.10 3.12 24.78
CA THR B 280 10.53 3.30 23.41
C THR B 280 11.97 3.80 23.36
N TYR B 281 12.25 4.81 24.16
CA TYR B 281 13.58 5.39 24.23
C TYR B 281 14.60 4.40 24.83
N ASN B 282 14.21 3.70 25.88
CA ASN B 282 15.07 2.66 26.46
C ASN B 282 15.36 1.56 25.44
N SER B 283 14.34 1.12 24.70
CA SER B 283 14.52 0.10 23.69
C SER B 283 15.55 0.53 22.67
N ILE B 284 15.44 1.77 22.18
CA ILE B 284 16.38 2.31 21.19
C ILE B 284 17.81 2.38 21.72
N MET B 285 17.96 2.77 22.98
CA MET B 285 19.29 2.86 23.61
C MET B 285 19.92 1.49 23.98
N LYS B 286 19.10 0.43 24.02
CA LYS B 286 19.61 -0.93 24.13
C LYS B 286 20.19 -1.47 22.80
N CYS B 287 19.89 -0.82 21.69
CA CYS B 287 20.39 -1.24 20.39
C CYS B 287 21.73 -0.65 20.06
N ASP B 288 22.39 -1.28 19.10
CA ASP B 288 23.66 -0.80 18.57
C ASP B 288 23.54 0.65 18.11
N ILE B 289 24.57 1.44 18.40
CA ILE B 289 24.55 2.88 18.13
C ILE B 289 24.42 3.25 16.64
N ASP B 290 25.02 2.48 15.75
CA ASP B 290 24.96 2.74 14.30
C ASP B 290 23.59 2.53 13.62
N ILE B 291 22.63 1.92 14.31
CA ILE B 291 21.24 1.84 13.82
C ILE B 291 20.22 2.74 14.54
N ARG B 292 20.61 3.46 15.57
CA ARG B 292 19.64 4.27 16.35
C ARG B 292 18.94 5.36 15.54
N LYS B 293 19.70 6.05 14.69
CA LYS B 293 19.15 7.05 13.75
C LYS B 293 17.98 6.49 12.96
N ASP B 294 18.13 5.26 12.49
CA ASP B 294 17.09 4.56 11.75
C ASP B 294 15.90 4.23 12.63
N LEU B 295 16.13 3.83 13.88
CA LEU B 295 15.02 3.48 14.75
C LEU B 295 14.20 4.73 15.10
N TYR B 296 14.87 5.83 15.42
CA TYR B 296 14.20 7.10 15.69
C TYR B 296 13.33 7.56 14.52
N ALA B 297 13.88 7.46 13.32
CA ALA B 297 13.18 7.81 12.09
C ALA B 297 12.08 6.83 11.66
N ASN B 298 11.97 5.67 12.32
CA ASN B 298 11.05 4.62 11.93
C ASN B 298 10.33 4.00 13.11
N ASN B 299 9.68 4.84 13.90
CA ASN B 299 8.85 4.40 15.00
C ASN B 299 7.46 4.07 14.47
N VAL B 300 7.10 2.80 14.42
CA VAL B 300 5.81 2.39 13.86
C VAL B 300 4.89 1.94 14.99
N MET B 301 3.66 2.46 14.98
CA MET B 301 2.64 2.10 15.98
C MET B 301 1.64 1.10 15.43
N SER B 302 1.41 0.02 16.18
CA SER B 302 0.43 -0.99 15.79
C SER B 302 -0.38 -1.46 16.99
N GLY B 303 -1.55 -2.01 16.69
CA GLY B 303 -2.45 -2.53 17.70
C GLY B 303 -3.56 -1.53 18.01
N GLY B 304 -4.61 -2.03 18.63
CA GLY B 304 -5.80 -1.25 18.88
C GLY B 304 -5.60 -0.12 19.86
N THR B 305 -4.74 -0.34 20.85
CA THR B 305 -4.48 0.65 21.88
C THR B 305 -3.60 1.82 21.40
N THR B 306 -3.03 1.72 20.18
CA THR B 306 -2.44 2.88 19.52
C THR B 306 -3.46 3.72 18.69
N MET B 307 -4.76 3.38 18.73
CA MET B 307 -5.74 4.11 17.90
C MET B 307 -6.20 5.45 18.46
N TYR B 308 -5.80 5.85 19.68
CA TYR B 308 -6.24 7.12 20.25
C TYR B 308 -5.80 8.31 19.37
N PRO B 309 -6.74 9.19 18.98
CA PRO B 309 -6.32 10.40 18.29
C PRO B 309 -5.35 11.20 19.15
N GLY B 310 -4.34 11.79 18.52
CA GLY B 310 -3.32 12.57 19.19
C GLY B 310 -2.14 11.80 19.78
N ILE B 311 -2.20 10.48 19.77
CA ILE B 311 -1.15 9.63 20.32
C ILE B 311 0.18 9.73 19.54
N ALA B 312 0.12 9.92 18.23
CA ALA B 312 1.36 10.06 17.43
C ALA B 312 2.08 11.38 17.71
N ASP B 313 1.33 12.47 17.76
CA ASP B 313 1.85 13.80 18.11
C ASP B 313 2.44 13.85 19.52
N ARG B 314 1.81 13.16 20.45
CA ARG B 314 2.27 13.12 21.83
C ARG B 314 3.57 12.32 21.91
N MET B 315 3.61 11.17 21.26
CA MET B 315 4.84 10.38 21.21
C MET B 315 5.97 11.19 20.56
N GLN B 316 5.66 11.84 19.43
CA GLN B 316 6.60 12.72 18.70
C GLN B 316 7.21 13.75 19.65
N LYS B 317 6.38 14.38 20.47
CA LYS B 317 6.82 15.37 21.44
C LYS B 317 7.70 14.76 22.54
N GLU B 318 7.29 13.63 23.09
CA GLU B 318 7.95 13.02 24.26
C GLU B 318 9.28 12.37 23.93
N ILE B 319 9.36 11.68 22.79
CA ILE B 319 10.63 11.17 22.29
C ILE B 319 11.59 12.33 22.02
N THR B 320 11.08 13.39 21.38
CA THR B 320 11.88 14.59 21.09
C THR B 320 12.56 15.18 22.33
N ALA B 321 11.87 15.13 23.46
CA ALA B 321 12.41 15.63 24.74
C ALA B 321 13.53 14.74 25.32
N LEU B 322 13.46 13.44 25.06
CA LEU B 322 14.42 12.44 25.57
C LEU B 322 15.62 12.25 24.63
N ALA B 323 15.35 12.27 23.32
CA ALA B 323 16.40 12.09 22.32
C ALA B 323 17.30 13.33 22.22
N PRO B 324 18.55 13.17 21.75
CA PRO B 324 19.34 14.35 21.42
C PRO B 324 18.66 15.19 20.32
N SER B 325 18.73 16.52 20.44
CA SER B 325 17.89 17.39 19.62
C SER B 325 18.33 17.52 18.16
N THR B 326 19.50 16.98 17.80
CA THR B 326 19.88 16.86 16.38
C THR B 326 19.05 15.81 15.63
N MET B 327 18.48 14.86 16.36
CA MET B 327 17.95 13.61 15.79
C MET B 327 16.59 13.75 15.10
N LYS B 328 16.48 13.18 13.91
CA LYS B 328 15.21 13.14 13.20
C LYS B 328 14.30 12.08 13.83
N ILE B 329 13.23 12.51 14.49
CA ILE B 329 12.22 11.62 15.05
C ILE B 329 11.05 11.58 14.09
N LYS B 330 10.52 10.39 13.86
CA LYS B 330 9.33 10.24 13.05
C LYS B 330 8.49 9.09 13.59
N ILE B 331 7.21 9.37 13.85
CA ILE B 331 6.23 8.37 14.25
C ILE B 331 5.32 8.04 13.07
N ILE B 332 5.21 6.77 12.73
CA ILE B 332 4.35 6.31 11.63
C ILE B 332 3.19 5.53 12.25
N ALA B 333 1.99 6.08 12.13
CA ALA B 333 0.82 5.47 12.72
C ALA B 333 -0.24 5.39 11.61
N PRO B 334 -0.18 4.35 10.76
CA PRO B 334 -1.17 4.30 9.66
C PRO B 334 -2.61 4.12 10.17
N PRO B 335 -3.62 4.60 9.41
CA PRO B 335 -5.02 4.52 9.89
C PRO B 335 -5.56 3.09 10.06
N GLU B 336 -4.98 2.13 9.34
CA GLU B 336 -5.38 0.72 9.45
C GLU B 336 -4.62 -0.09 10.54
N ARG B 337 -3.90 0.60 11.44
CA ARG B 337 -3.00 -0.04 12.40
C ARG B 337 -3.63 -0.95 13.46
N LYS B 338 -4.93 -0.85 13.61
CA LYS B 338 -5.72 -1.81 14.38
C LYS B 338 -5.52 -3.25 13.90
N TYR B 339 -5.20 -3.42 12.62
CA TYR B 339 -5.06 -4.72 11.97
C TYR B 339 -3.74 -4.90 11.22
N SER B 340 -2.74 -4.06 11.51
CA SER B 340 -1.53 -4.09 10.70
C SER B 340 -0.69 -5.36 10.90
N VAL B 341 -0.86 -6.08 12.01
CA VAL B 341 -0.23 -7.42 12.11
C VAL B 341 -0.82 -8.33 11.04
N TRP B 342 -2.15 -8.39 11.04
CA TRP B 342 -2.89 -9.21 10.10
C TRP B 342 -2.54 -8.84 8.64
N ILE B 343 -2.55 -7.55 8.32
CA ILE B 343 -2.19 -7.07 7.00
C ILE B 343 -0.76 -7.50 6.62
N GLY B 344 0.17 -7.36 7.55
CA GLY B 344 1.52 -7.88 7.36
C GLY B 344 1.58 -9.35 6.98
N GLY B 345 0.77 -10.16 7.66
CA GLY B 345 0.64 -11.58 7.39
C GLY B 345 -0.01 -11.91 6.07
N SER B 346 -1.03 -11.14 5.69
CA SER B 346 -1.69 -11.28 4.38
C SER B 346 -0.71 -10.97 3.25
N ILE B 347 0.14 -9.95 3.44
CA ILE B 347 1.17 -9.63 2.45
C ILE B 347 2.19 -10.76 2.37
N LEU B 348 2.78 -11.10 3.51
CA LEU B 348 3.85 -12.11 3.56
C LEU B 348 3.42 -13.43 2.90
N ALA B 349 2.23 -13.92 3.27
CA ALA B 349 1.73 -15.20 2.76
C ALA B 349 1.28 -15.15 1.29
N SER B 350 1.11 -13.95 0.74
CA SER B 350 0.83 -13.77 -0.69
C SER B 350 2.07 -13.86 -1.62
N LEU B 351 3.29 -13.77 -1.08
CA LEU B 351 4.48 -13.61 -1.92
C LEU B 351 4.93 -14.95 -2.46
N SER B 352 5.32 -14.99 -3.73
CA SER B 352 5.84 -16.21 -4.33
C SER B 352 7.19 -16.57 -3.75
N THR B 353 8.00 -15.55 -3.41
CA THR B 353 9.27 -15.76 -2.71
C THR B 353 9.10 -16.42 -1.33
N PHE B 354 7.96 -16.17 -0.70
CA PHE B 354 7.62 -16.81 0.55
C PHE B 354 7.21 -18.29 0.44
N GLN B 355 6.70 -18.70 -0.71
CA GLN B 355 6.18 -20.10 -0.87
C GLN B 355 7.21 -21.16 -0.45
N GLN B 356 8.50 -20.90 -0.67
CA GLN B 356 9.57 -21.85 -0.25
C GLN B 356 9.68 -21.94 1.28
N MET B 357 9.48 -20.81 1.96
CA MET B 357 9.62 -20.65 3.44
C MET B 357 8.61 -21.47 4.24
N TRP B 358 7.47 -21.84 3.65
CA TRP B 358 6.43 -22.60 4.40
C TRP B 358 7.02 -23.91 4.94
N ILE B 359 6.64 -24.28 6.17
CA ILE B 359 7.05 -25.60 6.73
C ILE B 359 5.98 -26.58 6.25
N THR B 360 6.36 -27.60 5.48
CA THR B 360 5.35 -28.52 4.90
C THR B 360 5.08 -29.71 5.81
N LYS B 361 3.95 -30.38 5.57
CA LYS B 361 3.54 -31.60 6.29
C LYS B 361 4.63 -32.70 6.24
N GLN B 362 5.25 -32.85 5.06
CA GLN B 362 6.34 -33.83 4.82
C GLN B 362 7.53 -33.50 5.73
N GLU B 363 7.92 -32.22 5.78
CA GLU B 363 9.08 -31.77 6.59
C GLU B 363 8.81 -32.05 8.08
N TYR B 364 7.59 -31.78 8.53
CA TYR B 364 7.23 -32.00 9.96
C TYR B 364 7.23 -33.50 10.25
N ASP B 365 6.73 -34.30 9.30
CA ASP B 365 6.63 -35.75 9.51
C ASP B 365 8.00 -36.45 9.64
N GLU B 366 9.08 -35.81 9.18
CA GLU B 366 10.44 -36.35 9.34
C GLU B 366 11.32 -35.66 10.39
N ALA B 367 11.04 -34.39 10.70
CA ALA B 367 11.81 -33.63 11.71
C ALA B 367 11.12 -33.51 13.08
N GLY B 368 9.81 -33.37 13.11
CA GLY B 368 9.06 -33.18 14.35
C GLY B 368 8.81 -31.70 14.64
N PRO B 369 8.19 -31.39 15.81
CA PRO B 369 7.93 -30.01 16.22
C PRO B 369 9.14 -29.04 16.24
N SER B 370 10.31 -29.56 16.57
CA SER B 370 11.56 -28.77 16.66
C SER B 370 11.91 -28.21 15.28
N ILE B 371 11.13 -28.58 14.26
CA ILE B 371 11.33 -28.10 12.87
C ILE B 371 11.11 -26.58 12.82
N VAL B 372 10.15 -26.07 13.59
CA VAL B 372 9.76 -24.63 13.62
C VAL B 372 10.94 -23.72 14.01
N HIS B 373 11.87 -24.17 14.84
CA HIS B 373 12.98 -23.26 15.24
C HIS B 373 13.79 -22.84 14.00
N ARG B 374 14.06 -23.76 13.08
CA ARG B 374 14.73 -23.41 11.80
C ARG B 374 13.69 -22.90 10.80
N LYS B 375 14.09 -22.14 9.77
CA LYS B 375 13.14 -21.61 8.74
C LYS B 375 12.03 -20.78 9.39
N CYS B 376 12.36 -19.97 10.39
CA CYS B 376 11.41 -19.06 11.11
C CYS B 376 12.21 -18.13 12.01
#